data_7VHZ
#
_entry.id   7VHZ
#
_cell.length_a   43.676
_cell.length_b   89.219
_cell.length_c   91.132
_cell.angle_alpha   114.990
_cell.angle_beta   95.330
_cell.angle_gamma   92.020
#
_symmetry.space_group_name_H-M   'P 1'
#
loop_
_entity.id
_entity.type
_entity.pdbx_description
1 polymer 'Histone acetyltransferase p300'
2 non-polymer 'ZINC ION'
3 non-polymer (2R)-N-(2H-indazol-4-yl)-1-[1-(4-methoxyphenyl)cyclopentyl]carbonyl-pyrrolidine-2-carboxamide
4 water water
#
_entity_poly.entity_id   1
_entity_poly.type   'polypeptide(L)'
_entity_poly.pdbx_seq_one_letter_code
;GPSLGYCCGRKLEFSPQTLCCYGKQLCTIPRDATYYSYQNRYHFCEKCFNEIQGESVSLGDDPSQPQTTINKEQFSKRKN
DTLDPELFVECTECGRKMHQICVLHHEIIWPAGFVCDGCLKKSARTRKENKFSAKRLPSTRLGTFLENRVNDFLRRQNHP
ESGEVTVRVVHASDKTVEVKPGMKARFVDSGEMAESFPYRTKALFAFEEIDGVDLCFFGMHVQEYGSDCPPPNQRRVYIS
YLDSVHFFRPKCLRTAVYHEILIGYLEYVKKLGYTTGHIWACPPSEGDDYIFHCHPPDQKIPKPKRLQEWFKKMLDKAVS
ERIVHDYKDIFKQATEDRLTSAKELPYFEGDFWPNVLEESIKESGGSGSQKLYATMEKHKEVFFVIRLIAGPAANSLPPI
VDPDPLIPCDLMDGRDAFLTLARDKHLEFSSLRRAQWSTMCMLVELHTQSQDRF
;
_entity_poly.pdbx_strand_id   A,B
#
# COMPACT_ATOMS: atom_id res chain seq x y z
N TYR A 6 12.75 46.95 7.57
CA TYR A 6 12.15 45.63 7.36
C TYR A 6 13.17 44.51 7.54
N CYS A 7 12.69 43.28 7.49
CA CYS A 7 13.49 42.09 7.79
C CYS A 7 14.46 41.71 6.67
N CYS A 8 13.92 41.35 5.50
CA CYS A 8 14.71 40.94 4.35
C CYS A 8 15.07 42.09 3.43
N GLY A 9 14.78 43.32 3.86
CA GLY A 9 15.13 44.51 3.09
C GLY A 9 14.27 44.74 1.86
N ARG A 10 13.10 44.09 1.79
CA ARG A 10 12.27 44.14 0.61
C ARG A 10 10.93 44.77 0.96
N LYS A 11 10.48 45.71 0.14
CA LYS A 11 9.15 46.30 0.27
C LYS A 11 8.18 45.42 -0.51
N LEU A 12 7.29 44.76 0.20
CA LEU A 12 6.44 43.71 -0.36
C LEU A 12 4.98 44.10 -0.24
N GLU A 13 4.23 43.95 -1.33
CA GLU A 13 2.80 44.17 -1.33
C GLU A 13 2.13 43.08 -2.15
N PHE A 14 0.88 42.80 -1.84
CA PHE A 14 0.13 41.82 -2.62
C PHE A 14 -0.34 42.47 -3.91
N SER A 15 -0.35 41.70 -4.99
CA SER A 15 -0.73 42.18 -6.30
C SER A 15 -2.24 42.35 -6.44
N PRO A 16 -2.70 43.32 -7.22
CA PRO A 16 -4.13 43.41 -7.54
C PRO A 16 -4.62 42.13 -8.22
N GLN A 17 -5.68 41.56 -7.67
CA GLN A 17 -6.25 40.32 -8.16
C GLN A 17 -7.16 40.57 -9.36
N THR A 18 -7.57 39.48 -10.00
CA THR A 18 -8.54 39.53 -11.08
C THR A 18 -9.95 39.32 -10.52
N LEU A 19 -10.91 40.12 -11.01
CA LEU A 19 -12.28 40.08 -10.55
C LEU A 19 -13.22 39.63 -11.66
N CYS A 20 -14.34 39.03 -11.27
CA CYS A 20 -15.44 38.71 -12.17
C CYS A 20 -16.22 39.98 -12.49
N CYS A 21 -16.87 40.00 -13.67
CA CYS A 21 -17.62 41.18 -14.11
C CYS A 21 -19.13 41.06 -14.02
N TYR A 22 -19.67 39.89 -13.67
CA TYR A 22 -21.08 39.71 -13.33
C TYR A 22 -22.08 39.96 -14.46
N GLY A 23 -21.63 40.50 -15.58
CA GLY A 23 -22.57 40.70 -16.68
C GLY A 23 -22.18 39.91 -17.90
N LYS A 24 -21.43 38.84 -17.66
CA LYS A 24 -21.09 37.86 -18.68
C LYS A 24 -20.45 36.65 -18.01
N GLN A 25 -20.98 35.45 -18.25
CA GLN A 25 -20.27 34.27 -17.79
C GLN A 25 -18.92 34.22 -18.49
N LEU A 26 -17.87 33.85 -17.75
CA LEU A 26 -16.50 33.78 -18.24
C LEU A 26 -15.91 35.14 -18.60
N CYS A 27 -16.48 36.23 -18.07
CA CYS A 27 -15.87 37.55 -18.18
C CYS A 27 -15.17 37.92 -16.87
N THR A 28 -13.98 38.49 -16.98
CA THR A 28 -13.20 38.90 -15.82
C THR A 28 -12.65 40.30 -16.02
N ILE A 29 -12.38 40.98 -14.90
CA ILE A 29 -11.75 42.29 -14.88
C ILE A 29 -10.29 42.09 -14.45
N PRO A 30 -9.32 42.33 -15.31
CA PRO A 30 -7.93 42.03 -14.96
C PRO A 30 -7.34 43.14 -14.11
N ARG A 31 -6.06 42.96 -13.77
CA ARG A 31 -5.34 43.95 -12.99
C ARG A 31 -5.21 45.25 -13.78
N ASP A 32 -5.33 46.37 -13.08
CA ASP A 32 -5.13 47.73 -13.60
C ASP A 32 -6.20 48.14 -14.61
N ALA A 33 -7.24 47.34 -14.82
CA ALA A 33 -8.33 47.67 -15.72
C ALA A 33 -9.37 48.57 -15.05
N THR A 34 -9.99 49.44 -15.86
CA THR A 34 -11.09 50.28 -15.39
C THR A 34 -12.37 49.47 -15.25
N TYR A 35 -13.09 49.68 -14.14
CA TYR A 35 -14.31 48.92 -13.88
C TYR A 35 -15.26 49.71 -12.98
N TYR A 36 -16.46 49.15 -12.80
CA TYR A 36 -17.52 49.72 -11.99
C TYR A 36 -17.95 48.72 -10.92
N SER A 37 -18.16 49.20 -9.69
CA SER A 37 -18.53 48.34 -8.58
C SER A 37 -19.65 48.98 -7.77
N TYR A 38 -20.48 48.12 -7.18
CA TYR A 38 -21.56 48.52 -6.29
C TYR A 38 -21.45 47.73 -5.00
N GLN A 39 -21.32 48.44 -3.87
CA GLN A 39 -21.22 47.81 -2.55
C GLN A 39 -20.07 46.81 -2.46
N ASN A 40 -19.02 47.04 -3.25
CA ASN A 40 -17.85 46.15 -3.31
C ASN A 40 -18.24 44.70 -3.55
N ARG A 41 -19.40 44.48 -4.17
CA ARG A 41 -19.92 43.15 -4.41
C ARG A 41 -20.16 42.86 -5.88
N TYR A 42 -20.78 43.80 -6.60
CA TYR A 42 -21.12 43.62 -8.01
C TYR A 42 -20.22 44.51 -8.86
N HIS A 43 -19.26 43.89 -9.54
CA HIS A 43 -18.26 44.59 -10.33
C HIS A 43 -18.54 44.37 -11.80
N PHE A 44 -18.35 45.42 -12.61
CA PHE A 44 -18.58 45.35 -14.05
C PHE A 44 -17.37 45.90 -14.78
N CYS A 45 -16.85 45.12 -15.73
CA CYS A 45 -15.86 45.66 -16.65
C CYS A 45 -16.51 46.75 -17.50
N GLU A 46 -15.68 47.69 -17.98
CA GLU A 46 -16.22 48.86 -18.67
C GLU A 46 -17.06 48.48 -19.87
N LYS A 47 -16.62 47.48 -20.64
CA LYS A 47 -17.37 47.08 -21.83
C LYS A 47 -18.75 46.56 -21.48
N CYS A 48 -18.82 45.61 -20.55
CA CYS A 48 -20.11 45.04 -20.16
C CYS A 48 -21.03 46.08 -19.55
N PHE A 49 -20.47 47.13 -18.95
CA PHE A 49 -21.27 48.16 -18.30
C PHE A 49 -21.93 49.11 -19.30
N ASN A 50 -21.18 49.62 -20.27
CA ASN A 50 -21.73 50.55 -21.24
C ASN A 50 -22.64 49.88 -22.25
N GLU A 51 -22.54 48.55 -22.39
CA GLU A 51 -23.44 47.78 -23.25
C GLU A 51 -24.81 47.53 -22.63
N ILE A 52 -24.99 47.80 -21.34
CA ILE A 52 -26.29 47.58 -20.71
C ILE A 52 -27.20 48.69 -21.22
N GLN A 53 -28.23 48.31 -21.96
CA GLN A 53 -29.16 49.31 -22.48
C GLN A 53 -30.04 49.85 -21.37
N GLY A 54 -29.90 51.15 -21.13
CA GLY A 54 -30.55 51.85 -20.05
C GLY A 54 -29.58 52.18 -18.92
N GLU A 55 -30.08 52.97 -17.97
CA GLU A 55 -29.34 53.34 -16.78
C GLU A 55 -29.73 52.50 -15.59
N SER A 56 -30.49 51.43 -15.82
CA SER A 56 -30.93 50.52 -14.78
C SER A 56 -30.15 49.22 -14.94
N VAL A 57 -29.78 48.61 -13.81
CA VAL A 57 -29.01 47.38 -13.81
C VAL A 57 -29.70 46.39 -12.87
N SER A 58 -30.15 45.27 -13.42
CA SER A 58 -30.72 44.21 -12.60
C SER A 58 -29.60 43.47 -11.89
N LEU A 59 -29.67 43.39 -10.56
CA LEU A 59 -28.63 42.80 -9.74
C LEU A 59 -29.24 41.78 -8.79
N GLY A 60 -28.45 40.78 -8.42
CA GLY A 60 -28.88 39.81 -7.43
C GLY A 60 -28.36 38.40 -7.64
N GLN A 67 -33.77 40.25 -6.86
CA GLN A 67 -33.40 40.91 -8.11
C GLN A 67 -33.79 42.39 -8.06
N THR A 68 -32.88 43.21 -7.55
CA THR A 68 -33.13 44.63 -7.36
C THR A 68 -32.51 45.41 -8.51
N THR A 69 -33.19 46.47 -8.90
CA THR A 69 -32.75 47.33 -10.00
C THR A 69 -32.01 48.53 -9.42
N ILE A 70 -30.74 48.69 -9.83
CA ILE A 70 -29.85 49.72 -9.31
C ILE A 70 -29.48 50.64 -10.46
N ASN A 71 -29.38 51.93 -10.17
CA ASN A 71 -28.97 52.91 -11.16
C ASN A 71 -27.45 52.94 -11.31
N LYS A 72 -27.00 53.28 -12.53
CA LYS A 72 -25.57 53.32 -12.83
C LYS A 72 -24.84 54.44 -12.12
N GLU A 73 -25.53 55.53 -11.75
CA GLU A 73 -24.87 56.60 -11.01
C GLU A 73 -24.49 56.18 -9.60
N GLN A 74 -25.12 55.12 -9.07
CA GLN A 74 -24.75 54.57 -7.77
C GLN A 74 -23.47 53.74 -7.82
N PHE A 75 -22.96 53.45 -9.01
CA PHE A 75 -21.74 52.69 -9.14
C PHE A 75 -20.53 53.61 -9.04
N SER A 76 -19.44 53.06 -8.50
CA SER A 76 -18.18 53.77 -8.39
C SER A 76 -17.28 53.35 -9.55
N LYS A 77 -16.68 54.34 -10.21
CA LYS A 77 -15.73 54.09 -11.30
C LYS A 77 -14.33 53.90 -10.71
N ARG A 78 -13.73 52.73 -10.96
CA ARG A 78 -12.47 52.37 -10.31
C ARG A 78 -11.54 51.69 -11.29
N LYS A 79 -10.27 51.60 -10.89
CA LYS A 79 -9.26 50.81 -11.57
C LYS A 79 -8.75 49.77 -10.59
N ASN A 80 -8.52 48.55 -11.10
CA ASN A 80 -8.09 47.43 -10.27
C ASN A 80 -6.59 47.51 -10.00
N ASP A 81 -6.21 48.54 -9.23
CA ASP A 81 -4.79 48.81 -8.96
C ASP A 81 -4.46 48.91 -7.47
N THR A 82 -5.29 48.37 -6.59
CA THR A 82 -5.05 48.49 -5.15
C THR A 82 -3.99 47.49 -4.71
N LEU A 83 -2.92 47.99 -4.09
CA LEU A 83 -1.81 47.17 -3.61
C LEU A 83 -1.90 47.12 -2.09
N ASP A 84 -2.28 45.96 -1.57
CA ASP A 84 -2.34 45.77 -0.13
C ASP A 84 -0.95 45.41 0.38
N PRO A 85 -0.38 46.18 1.30
CA PRO A 85 0.96 45.85 1.81
C PRO A 85 0.97 44.54 2.57
N GLU A 86 2.10 43.85 2.50
CA GLU A 86 2.31 42.65 3.30
C GLU A 86 2.35 43.00 4.79
N LEU A 87 1.91 42.06 5.61
CA LEU A 87 1.83 42.26 7.04
C LEU A 87 3.13 41.88 7.72
N PHE A 88 3.44 42.60 8.81
CA PHE A 88 4.59 42.32 9.66
C PHE A 88 4.11 41.72 10.97
N VAL A 89 4.96 40.88 11.58
CA VAL A 89 4.77 40.44 12.96
C VAL A 89 5.97 40.90 13.76
N GLU A 90 5.75 41.12 15.06
CA GLU A 90 6.76 41.65 15.95
C GLU A 90 7.20 40.56 16.92
N CYS A 91 8.51 40.34 17.01
CA CYS A 91 9.05 39.41 17.99
C CYS A 91 8.68 39.84 19.40
N THR A 92 8.17 38.89 20.20
CA THR A 92 7.74 39.22 21.55
C THR A 92 8.91 39.51 22.47
N GLU A 93 10.14 39.32 22.02
CA GLU A 93 11.33 39.62 22.81
C GLU A 93 12.20 40.69 22.17
N CYS A 94 12.47 40.60 20.87
CA CYS A 94 13.33 41.58 20.23
C CYS A 94 12.61 42.89 19.99
N GLY A 95 11.31 42.79 19.71
CA GLY A 95 10.61 43.90 19.11
C GLY A 95 10.89 44.01 17.62
N ARG A 96 11.68 43.08 17.08
CA ARG A 96 12.03 43.10 15.66
C ARG A 96 10.81 42.83 14.80
N LYS A 97 10.63 43.66 13.78
CA LYS A 97 9.50 43.52 12.86
C LYS A 97 9.95 42.73 11.64
N MET A 98 9.24 41.64 11.35
CA MET A 98 9.54 40.79 10.21
C MET A 98 8.26 40.47 9.47
N HIS A 99 8.36 40.32 8.14
CA HIS A 99 7.23 39.86 7.34
C HIS A 99 6.70 38.55 7.88
N GLN A 100 5.39 38.50 8.11
CA GLN A 100 4.75 37.28 8.59
C GLN A 100 5.02 36.11 7.65
N ILE A 101 5.03 36.38 6.35
CA ILE A 101 5.25 35.33 5.36
C ILE A 101 6.69 34.84 5.38
N CYS A 102 7.65 35.76 5.60
CA CYS A 102 9.06 35.37 5.62
C CYS A 102 9.35 34.41 6.77
N VAL A 103 8.71 34.63 7.92
CA VAL A 103 8.97 33.80 9.09
C VAL A 103 7.93 32.72 9.27
N LEU A 104 6.89 32.70 8.44
CA LEU A 104 5.83 31.70 8.50
C LEU A 104 5.25 31.59 9.92
N HIS A 105 4.90 32.74 10.49
CA HIS A 105 4.30 32.76 11.81
C HIS A 105 2.77 32.75 11.68
N HIS A 106 2.15 31.74 12.26
CA HIS A 106 0.71 31.58 12.23
C HIS A 106 0.18 31.54 13.66
N GLU A 107 -0.78 32.43 13.95
CA GLU A 107 -1.27 32.59 15.32
C GLU A 107 -1.90 31.30 15.85
N ILE A 108 -2.56 30.53 14.99
CA ILE A 108 -3.19 29.29 15.45
C ILE A 108 -2.13 28.24 15.78
N ILE A 109 -1.06 28.17 14.98
CA ILE A 109 -0.03 27.15 15.20
C ILE A 109 0.78 27.47 16.46
N TRP A 110 1.10 28.74 16.68
CA TRP A 110 1.89 29.17 17.83
C TRP A 110 1.11 30.27 18.54
N PRO A 111 0.09 29.91 19.33
CA PRO A 111 -0.76 30.92 19.97
C PRO A 111 -0.02 31.81 20.96
N ALA A 112 1.09 31.34 21.54
CA ALA A 112 1.81 32.12 22.54
C ALA A 112 2.44 33.39 21.97
N GLY A 113 2.63 33.47 20.66
CA GLY A 113 3.19 34.64 20.03
C GLY A 113 4.42 34.31 19.20
N PHE A 114 4.87 35.33 18.47
CA PHE A 114 6.03 35.18 17.60
C PHE A 114 7.30 35.44 18.38
N VAL A 115 8.19 34.45 18.39
CA VAL A 115 9.56 34.61 18.88
C VAL A 115 10.48 34.34 17.71
N CYS A 116 11.34 35.31 17.38
CA CYS A 116 12.16 35.25 16.18
C CYS A 116 13.27 34.21 16.33
N ASP A 117 13.89 33.88 15.20
CA ASP A 117 14.94 32.87 15.19
C ASP A 117 16.13 33.27 16.05
N GLY A 118 16.50 34.55 16.02
CA GLY A 118 17.62 35.02 16.83
C GLY A 118 17.40 34.81 18.31
N CYS A 119 16.20 35.19 18.79
CA CYS A 119 15.85 34.96 20.18
C CYS A 119 15.74 33.48 20.49
N LEU A 120 15.42 32.66 19.49
CA LEU A 120 15.39 31.22 19.69
C LEU A 120 16.80 30.66 19.88
N LYS A 121 17.75 31.06 19.02
CA LYS A 121 19.11 30.56 19.14
C LYS A 121 19.75 30.98 20.46
N LYS A 122 19.48 32.20 20.90
CA LYS A 122 20.00 32.77 22.14
C LYS A 122 19.32 32.18 23.38
N SER A 123 18.45 31.17 23.21
CA SER A 123 17.97 30.38 24.34
C SER A 123 18.12 28.87 24.11
N ALA A 124 18.86 28.47 23.07
CA ALA A 124 18.91 27.06 22.64
C ALA A 124 17.50 26.49 22.51
N ARG A 125 16.62 27.28 21.88
CA ARG A 125 15.22 26.94 21.79
C ARG A 125 14.83 26.69 20.34
N THR A 126 13.84 25.82 20.17
CA THR A 126 13.26 25.50 18.88
C THR A 126 11.77 25.77 18.95
N ARG A 127 11.17 26.05 17.78
CA ARG A 127 9.74 26.24 17.72
C ARG A 127 9.02 24.96 18.10
N LYS A 128 7.88 25.09 18.79
CA LYS A 128 7.05 23.95 19.10
C LYS A 128 6.59 23.28 17.81
N GLU A 129 6.44 21.96 17.85
CA GLU A 129 6.10 21.19 16.67
C GLU A 129 4.81 21.71 16.03
N ASN A 130 4.84 21.90 14.72
CA ASN A 130 3.65 22.26 13.96
C ASN A 130 2.79 21.01 13.83
N LYS A 131 1.73 20.94 14.64
CA LYS A 131 0.82 19.80 14.57
C LYS A 131 -0.16 19.92 13.40
N PHE A 132 -0.19 21.07 12.74
CA PHE A 132 -1.07 21.31 11.59
C PHE A 132 -0.33 21.08 10.27
N SER A 133 0.40 19.98 10.19
CA SER A 133 1.26 19.69 9.05
C SER A 133 0.52 18.85 8.01
N ALA A 134 1.09 18.80 6.81
CA ALA A 134 0.51 17.96 5.75
C ALA A 134 0.56 16.49 6.13
N LYS A 135 1.67 16.04 6.72
CA LYS A 135 1.82 14.63 7.05
C LYS A 135 0.77 14.18 8.05
N ARG A 136 0.39 15.05 8.98
CA ARG A 136 -0.57 14.69 10.02
C ARG A 136 -2.01 14.79 9.56
N LEU A 137 -2.25 15.20 8.32
CA LEU A 137 -3.58 15.08 7.77
C LEU A 137 -3.99 13.62 7.72
N PRO A 138 -5.27 13.31 7.95
CA PRO A 138 -5.69 11.90 7.98
C PRO A 138 -5.36 11.18 6.67
N SER A 139 -4.86 9.96 6.82
CA SER A 139 -4.40 9.17 5.69
C SER A 139 -5.55 8.39 5.08
N THR A 140 -5.34 7.94 3.83
CA THR A 140 -6.27 7.09 3.13
C THR A 140 -5.48 5.98 2.46
N ARG A 141 -6.17 4.90 2.10
CA ARG A 141 -5.52 3.87 1.30
C ARG A 141 -5.04 4.43 -0.03
N LEU A 142 -5.84 5.31 -0.65
CA LEU A 142 -5.42 5.93 -1.90
C LEU A 142 -4.20 6.82 -1.71
N GLY A 143 -4.25 7.71 -0.72
CA GLY A 143 -3.12 8.61 -0.51
C GLY A 143 -1.84 7.88 -0.17
N THR A 144 -1.93 6.83 0.64
CA THR A 144 -0.77 6.01 0.95
C THR A 144 -0.20 5.36 -0.30
N PHE A 145 -1.09 4.80 -1.13
CA PHE A 145 -0.65 4.17 -2.37
C PHE A 145 0.09 5.15 -3.26
N LEU A 146 -0.43 6.38 -3.40
CA LEU A 146 0.20 7.36 -4.27
C LEU A 146 1.53 7.85 -3.70
N GLU A 147 1.56 8.22 -2.42
CA GLU A 147 2.78 8.79 -1.86
C GLU A 147 3.88 7.74 -1.78
N ASN A 148 3.52 6.47 -1.55
CA ASN A 148 4.52 5.40 -1.61
C ASN A 148 5.14 5.30 -3.00
N ARG A 149 4.30 5.39 -4.04
CA ARG A 149 4.83 5.34 -5.40
C ARG A 149 5.78 6.50 -5.67
N VAL A 150 5.38 7.71 -5.26
CA VAL A 150 6.19 8.90 -5.53
C VAL A 150 7.50 8.85 -4.77
N ASN A 151 7.45 8.49 -3.48
CA ASN A 151 8.66 8.50 -2.68
C ASN A 151 9.61 7.39 -3.08
N ASP A 152 9.07 6.22 -3.44
CA ASP A 152 9.93 5.15 -3.95
C ASP A 152 10.60 5.56 -5.25
N PHE A 153 9.87 6.26 -6.12
CA PHE A 153 10.46 6.79 -7.33
C PHE A 153 11.57 7.78 -7.02
N LEU A 154 11.32 8.69 -6.08
CA LEU A 154 12.31 9.71 -5.76
C LEU A 154 13.59 9.10 -5.19
N ARG A 155 13.45 8.06 -4.35
CA ARG A 155 14.62 7.41 -3.78
C ARG A 155 15.46 6.70 -4.84
N ARG A 156 14.82 6.18 -5.89
CA ARG A 156 15.56 5.58 -6.99
C ARG A 156 16.41 6.61 -7.74
N GLN A 157 15.95 7.86 -7.78
CA GLN A 157 16.68 8.91 -8.50
C GLN A 157 17.95 9.35 -7.76
N ASN A 158 17.98 9.20 -6.43
CA ASN A 158 19.13 9.57 -5.62
C ASN A 158 19.57 11.01 -5.90
N HIS A 159 18.60 11.89 -5.94
CA HIS A 159 18.90 13.31 -6.14
C HIS A 159 18.97 14.01 -4.81
N PRO A 160 20.03 14.77 -4.53
CA PRO A 160 20.22 15.33 -3.18
C PRO A 160 19.13 16.32 -2.75
N GLU A 161 18.42 16.94 -3.69
CA GLU A 161 17.49 18.00 -3.34
C GLU A 161 16.05 17.54 -3.12
N SER A 162 15.70 16.30 -3.46
CA SER A 162 14.31 15.90 -3.34
C SER A 162 13.93 15.73 -1.87
N GLY A 163 12.72 16.16 -1.53
CA GLY A 163 12.19 16.04 -0.20
C GLY A 163 11.08 15.00 -0.14
N GLU A 164 10.66 14.71 1.10
CA GLU A 164 9.59 13.75 1.31
C GLU A 164 8.29 14.30 0.76
N VAL A 165 7.56 13.48 0.01
CA VAL A 165 6.30 13.87 -0.61
C VAL A 165 5.16 13.23 0.17
N THR A 166 4.18 14.05 0.53
CA THR A 166 2.96 13.59 1.16
C THR A 166 1.79 13.77 0.19
N VAL A 167 0.95 12.76 0.07
CA VAL A 167 -0.26 12.83 -0.74
C VAL A 167 -1.44 12.55 0.18
N ARG A 168 -2.40 13.47 0.20
CA ARG A 168 -3.54 13.37 1.09
C ARG A 168 -4.83 13.60 0.31
N VAL A 169 -5.77 12.67 0.44
CA VAL A 169 -7.15 12.90 0.00
C VAL A 169 -7.84 13.75 1.06
N VAL A 170 -8.32 14.92 0.66
CA VAL A 170 -8.87 15.90 1.59
C VAL A 170 -10.38 16.07 1.43
N HIS A 171 -10.99 15.40 0.47
CA HIS A 171 -12.44 15.46 0.32
C HIS A 171 -12.92 14.20 -0.41
N ALA A 172 -14.08 13.70 -0.01
CA ALA A 172 -14.72 12.60 -0.72
C ALA A 172 -16.20 12.64 -0.39
N SER A 173 -17.05 12.78 -1.40
CA SER A 173 -18.48 12.87 -1.16
C SER A 173 -19.25 12.30 -2.35
N ASP A 174 -20.48 11.85 -2.08
CA ASP A 174 -21.36 11.32 -3.11
C ASP A 174 -22.07 12.45 -3.84
N LYS A 175 -22.10 12.36 -5.17
CA LYS A 175 -22.75 13.37 -6.00
C LYS A 175 -23.48 12.67 -7.13
N THR A 176 -24.27 13.45 -7.87
CA THR A 176 -24.93 12.97 -9.08
C THR A 176 -24.76 14.03 -10.16
N VAL A 177 -24.52 13.59 -11.38
CA VAL A 177 -24.52 14.47 -12.54
C VAL A 177 -25.86 14.33 -13.24
N GLU A 178 -26.51 15.47 -13.50
CA GLU A 178 -27.84 15.52 -14.08
C GLU A 178 -27.76 15.72 -15.59
N VAL A 179 -28.51 14.90 -16.33
CA VAL A 179 -28.56 15.05 -17.78
C VAL A 179 -29.26 16.37 -18.12
N LYS A 180 -28.60 17.17 -18.96
CA LYS A 180 -29.06 18.51 -19.27
C LYS A 180 -30.36 18.47 -20.09
N PRO A 181 -31.09 19.59 -20.15
CA PRO A 181 -32.46 19.53 -20.71
C PRO A 181 -32.57 18.99 -22.13
N GLY A 182 -31.63 19.34 -23.02
CA GLY A 182 -31.76 18.88 -24.39
C GLY A 182 -31.62 17.37 -24.49
N MET A 183 -30.55 16.83 -23.90
CA MET A 183 -30.39 15.38 -23.89
C MET A 183 -31.47 14.71 -23.08
N LYS A 184 -31.96 15.36 -22.03
CA LYS A 184 -33.03 14.78 -21.23
C LYS A 184 -34.29 14.61 -22.07
N ALA A 185 -34.66 15.66 -22.81
CA ALA A 185 -35.86 15.59 -23.64
C ALA A 185 -35.70 14.56 -24.75
N ARG A 186 -34.50 14.43 -25.31
CA ARG A 186 -34.30 13.48 -26.39
C ARG A 186 -34.27 12.03 -25.90
N PHE A 187 -33.57 11.77 -24.81
CA PHE A 187 -33.26 10.41 -24.41
C PHE A 187 -33.81 10.00 -23.04
N VAL A 188 -33.86 10.90 -22.07
CA VAL A 188 -34.35 10.53 -20.74
C VAL A 188 -35.87 10.39 -20.73
N ASP A 189 -36.56 11.38 -21.32
CA ASP A 189 -38.02 11.37 -21.32
C ASP A 189 -38.59 10.19 -22.10
N SER A 190 -37.81 9.60 -23.02
CA SER A 190 -38.23 8.41 -23.75
C SER A 190 -37.87 7.13 -23.02
N GLY A 191 -37.19 7.21 -21.88
CA GLY A 191 -36.76 6.02 -21.16
C GLY A 191 -35.55 5.32 -21.74
N GLU A 192 -34.77 5.99 -22.59
CA GLU A 192 -33.58 5.39 -23.22
C GLU A 192 -32.29 5.62 -22.44
N MET A 193 -32.32 6.50 -21.44
CA MET A 193 -31.10 6.89 -20.76
C MET A 193 -31.48 7.31 -19.34
N ALA A 194 -30.64 6.95 -18.38
CA ALA A 194 -30.90 7.31 -16.99
C ALA A 194 -30.91 8.83 -16.87
N GLU A 195 -31.74 9.33 -15.94
CA GLU A 195 -31.90 10.76 -15.77
C GLU A 195 -30.68 11.40 -15.10
N SER A 196 -29.94 10.63 -14.30
CA SER A 196 -28.78 11.12 -13.59
C SER A 196 -27.82 9.96 -13.35
N PHE A 197 -26.58 10.29 -13.00
CA PHE A 197 -25.54 9.28 -12.79
C PHE A 197 -24.84 9.54 -11.46
N PRO A 198 -24.89 8.58 -10.53
CA PRO A 198 -24.23 8.79 -9.24
C PRO A 198 -22.72 8.60 -9.33
N TYR A 199 -21.99 9.43 -8.59
CA TYR A 199 -20.54 9.29 -8.54
C TYR A 199 -20.00 9.84 -7.23
N ARG A 200 -18.74 9.53 -6.97
CA ARG A 200 -18.02 10.06 -5.82
C ARG A 200 -16.93 11.01 -6.33
N THR A 201 -16.90 12.22 -5.80
CA THR A 201 -15.80 13.14 -6.08
C THR A 201 -14.73 13.00 -5.01
N LYS A 202 -13.48 13.13 -5.41
CA LYS A 202 -12.35 13.11 -4.49
C LYS A 202 -11.41 14.25 -4.85
N ALA A 203 -10.95 14.97 -3.85
CA ALA A 203 -9.91 15.98 -4.02
C ALA A 203 -8.65 15.51 -3.30
N LEU A 204 -7.52 15.58 -4.00
CA LEU A 204 -6.26 15.17 -3.39
C LEU A 204 -5.18 16.19 -3.73
N PHE A 205 -4.21 16.32 -2.84
CA PHE A 205 -3.12 17.27 -2.97
C PHE A 205 -1.81 16.59 -2.63
N ALA A 206 -0.73 17.04 -3.28
CA ALA A 206 0.62 16.55 -3.02
C ALA A 206 1.45 17.67 -2.41
N PHE A 207 2.20 17.33 -1.37
CA PHE A 207 3.02 18.27 -0.62
C PHE A 207 4.45 17.79 -0.63
N GLU A 208 5.39 18.72 -0.73
CA GLU A 208 6.81 18.39 -0.62
C GLU A 208 7.44 19.14 0.54
N GLU A 209 8.12 18.41 1.41
CA GLU A 209 8.82 19.03 2.53
C GLU A 209 10.13 19.65 2.02
N ILE A 210 10.23 20.97 2.12
CA ILE A 210 11.38 21.73 1.65
C ILE A 210 11.92 22.52 2.84
N ASP A 211 13.11 22.15 3.31
CA ASP A 211 13.76 22.81 4.45
C ASP A 211 12.90 22.73 5.71
N GLY A 212 12.29 21.57 5.94
CA GLY A 212 11.42 21.41 7.09
C GLY A 212 10.12 22.17 6.98
N VAL A 213 9.73 22.59 5.77
CA VAL A 213 8.55 23.39 5.52
C VAL A 213 7.72 22.72 4.44
N ASP A 214 6.40 22.65 4.65
CA ASP A 214 5.52 22.04 3.67
C ASP A 214 5.27 22.97 2.48
N LEU A 215 5.19 22.40 1.28
CA LEU A 215 4.83 23.14 0.08
C LEU A 215 3.85 22.33 -0.73
N CYS A 216 2.63 22.85 -0.91
CA CYS A 216 1.64 22.21 -1.76
C CYS A 216 1.94 22.52 -3.22
N PHE A 217 2.24 21.49 -4.01
CA PHE A 217 2.66 21.70 -5.39
C PHE A 217 1.74 21.04 -6.41
N PHE A 218 0.78 20.21 -6.00
CA PHE A 218 -0.07 19.53 -6.96
C PHE A 218 -1.44 19.32 -6.35
N GLY A 219 -2.47 19.46 -7.18
CA GLY A 219 -3.84 19.25 -6.74
C GLY A 219 -4.67 18.67 -7.86
N MET A 220 -5.69 17.90 -7.49
CA MET A 220 -6.48 17.19 -8.47
C MET A 220 -7.84 16.85 -7.88
N HIS A 221 -8.88 16.96 -8.70
CA HIS A 221 -10.21 16.48 -8.37
C HIS A 221 -10.63 15.45 -9.40
N VAL A 222 -11.28 14.36 -8.95
CA VAL A 222 -11.68 13.28 -9.83
C VAL A 222 -13.14 12.92 -9.55
N GLN A 223 -13.78 12.34 -10.56
CA GLN A 223 -15.12 11.77 -10.47
C GLN A 223 -15.02 10.27 -10.71
N GLU A 224 -15.57 9.48 -9.79
CA GLU A 224 -15.49 8.03 -9.85
C GLU A 224 -16.91 7.47 -9.88
N TYR A 225 -17.23 6.74 -10.95
CA TYR A 225 -18.56 6.19 -11.17
C TYR A 225 -18.44 4.69 -10.96
N GLY A 226 -19.11 4.19 -9.92
CA GLY A 226 -18.87 2.84 -9.43
C GLY A 226 -19.62 1.78 -10.21
N SER A 227 -19.55 0.55 -9.69
CA SER A 227 -20.22 -0.58 -10.32
C SER A 227 -21.74 -0.49 -10.20
N ASP A 228 -22.23 0.36 -9.29
CA ASP A 228 -23.67 0.62 -9.16
C ASP A 228 -24.20 1.63 -10.17
N CYS A 229 -23.32 2.31 -10.88
CA CYS A 229 -23.77 3.36 -11.78
C CYS A 229 -24.35 2.75 -13.06
N PRO A 230 -25.49 3.22 -13.53
CA PRO A 230 -26.03 2.68 -14.78
C PRO A 230 -25.12 3.04 -15.94
N PRO A 231 -25.10 2.22 -17.00
CA PRO A 231 -24.41 2.63 -18.21
C PRO A 231 -25.00 3.91 -18.76
N PRO A 232 -24.20 4.69 -19.51
CA PRO A 232 -22.84 4.42 -19.99
C PRO A 232 -21.68 4.78 -19.07
N ASN A 233 -21.93 5.15 -17.81
CA ASN A 233 -20.89 5.67 -16.93
C ASN A 233 -20.29 4.61 -16.01
N GLN A 234 -20.72 3.35 -16.11
CA GLN A 234 -20.33 2.34 -15.13
C GLN A 234 -18.81 2.09 -15.12
N ARG A 235 -18.24 2.05 -13.91
CA ARG A 235 -16.85 1.65 -13.70
C ARG A 235 -15.86 2.56 -14.43
N ARG A 236 -16.11 3.87 -14.40
CA ARG A 236 -15.30 4.86 -15.08
C ARG A 236 -14.82 5.93 -14.11
N VAL A 237 -13.61 6.43 -14.33
CA VAL A 237 -13.11 7.58 -13.58
C VAL A 237 -12.80 8.69 -14.57
N TYR A 238 -13.00 9.92 -14.12
CA TYR A 238 -12.81 11.10 -14.96
C TYR A 238 -12.10 12.17 -14.14
N ILE A 239 -11.06 12.77 -14.69
CA ILE A 239 -10.34 13.83 -14.02
C ILE A 239 -11.07 15.16 -14.26
N SER A 240 -11.65 15.74 -13.20
CA SER A 240 -12.32 17.02 -13.33
C SER A 240 -11.33 18.13 -13.65
N TYR A 241 -10.34 18.33 -12.78
CA TYR A 241 -9.30 19.32 -13.05
C TYR A 241 -8.04 18.94 -12.28
N LEU A 242 -6.90 19.39 -12.81
CA LEU A 242 -5.59 19.19 -12.23
C LEU A 242 -4.84 20.51 -12.30
N ASP A 243 -3.99 20.78 -11.31
CA ASP A 243 -3.28 22.05 -11.23
C ASP A 243 -1.97 21.85 -10.50
N SER A 244 -1.08 22.84 -10.64
CA SER A 244 0.24 22.73 -10.04
C SER A 244 0.80 24.12 -9.77
N VAL A 245 1.72 24.17 -8.81
CA VAL A 245 2.60 25.30 -8.55
C VAL A 245 4.02 24.78 -8.72
N HIS A 246 4.81 25.45 -9.57
CA HIS A 246 5.96 24.83 -10.21
C HIS A 246 7.24 24.84 -9.36
N PHE A 247 7.12 24.82 -8.03
CA PHE A 247 8.29 24.94 -7.16
C PHE A 247 8.80 23.60 -6.61
N PHE A 248 8.41 22.48 -7.20
CA PHE A 248 8.93 21.19 -6.73
C PHE A 248 10.45 21.16 -6.90
N ARG A 249 11.14 20.60 -5.90
CA ARG A 249 12.59 20.51 -5.88
C ARG A 249 13.01 19.04 -5.90
N PRO A 250 13.86 18.62 -6.84
CA PRO A 250 14.49 19.39 -7.92
C PRO A 250 13.54 19.59 -9.11
N LYS A 251 13.76 20.65 -9.87
CA LYS A 251 12.91 20.89 -11.04
C LYS A 251 13.02 19.77 -12.06
N CYS A 252 14.20 19.15 -12.16
CA CYS A 252 14.41 18.10 -13.15
C CYS A 252 13.57 16.85 -12.90
N LEU A 253 12.95 16.72 -11.73
CA LEU A 253 12.06 15.60 -11.42
C LEU A 253 10.60 16.05 -11.34
N ARG A 254 10.31 17.32 -11.63
CA ARG A 254 8.95 17.83 -11.46
C ARG A 254 7.96 17.09 -12.36
N THR A 255 8.26 17.00 -13.66
CA THR A 255 7.35 16.32 -14.57
C THR A 255 7.20 14.85 -14.22
N ALA A 256 8.31 14.20 -13.87
CA ALA A 256 8.25 12.78 -13.51
C ALA A 256 7.33 12.56 -12.32
N VAL A 257 7.38 13.46 -11.33
CA VAL A 257 6.55 13.28 -10.14
C VAL A 257 5.06 13.43 -10.47
N TYR A 258 4.71 14.42 -11.28
CA TYR A 258 3.31 14.52 -11.73
C TYR A 258 2.86 13.23 -12.39
N HIS A 259 3.70 12.70 -13.29
CA HIS A 259 3.34 11.47 -13.99
C HIS A 259 3.19 10.30 -13.02
N GLU A 260 4.06 10.22 -12.01
CA GLU A 260 3.95 9.16 -11.01
C GLU A 260 2.62 9.22 -10.27
N ILE A 261 2.16 10.42 -9.90
CA ILE A 261 0.88 10.55 -9.22
C ILE A 261 -0.26 10.07 -10.11
N LEU A 262 -0.26 10.50 -11.38
CA LEU A 262 -1.35 10.14 -12.29
C LEU A 262 -1.32 8.67 -12.64
N ILE A 263 -0.14 8.11 -12.91
CA ILE A 263 -0.06 6.68 -13.18
C ILE A 263 -0.47 5.88 -11.95
N GLY A 264 -0.08 6.35 -10.77
CA GLY A 264 -0.48 5.67 -9.55
C GLY A 264 -1.97 5.70 -9.32
N TYR A 265 -2.60 6.84 -9.64
CA TYR A 265 -4.05 6.91 -9.52
C TYR A 265 -4.73 5.92 -10.46
N LEU A 266 -4.28 5.87 -11.71
CA LEU A 266 -4.83 4.90 -12.64
C LEU A 266 -4.59 3.47 -12.17
N GLU A 267 -3.38 3.18 -11.67
CA GLU A 267 -3.10 1.86 -11.13
C GLU A 267 -4.03 1.53 -9.96
N TYR A 268 -4.26 2.49 -9.07
CA TYR A 268 -5.10 2.23 -7.91
C TYR A 268 -6.55 1.95 -8.30
N VAL A 269 -7.14 2.79 -9.15
CA VAL A 269 -8.55 2.59 -9.50
C VAL A 269 -8.72 1.31 -10.31
N LYS A 270 -7.71 0.96 -11.10
CA LYS A 270 -7.73 -0.33 -11.78
C LYS A 270 -7.82 -1.47 -10.78
N LYS A 271 -7.05 -1.39 -9.70
CA LYS A 271 -7.07 -2.43 -8.67
C LYS A 271 -8.46 -2.54 -8.03
N LEU A 272 -9.10 -1.40 -7.75
CA LEU A 272 -10.45 -1.41 -7.19
C LEU A 272 -11.49 -1.97 -8.15
N GLY A 273 -11.19 -2.02 -9.45
CA GLY A 273 -12.11 -2.57 -10.42
C GLY A 273 -12.68 -1.59 -11.42
N TYR A 274 -12.26 -0.33 -11.42
CA TYR A 274 -12.66 0.59 -12.48
C TYR A 274 -11.97 0.19 -13.78
N THR A 275 -12.73 0.15 -14.87
CA THR A 275 -12.22 -0.36 -16.14
C THR A 275 -11.61 0.72 -17.02
N THR A 276 -12.09 1.95 -16.92
CA THR A 276 -11.76 2.99 -17.90
C THR A 276 -11.54 4.33 -17.22
N GLY A 277 -10.52 5.05 -17.70
CA GLY A 277 -10.24 6.40 -17.26
C GLY A 277 -10.45 7.37 -18.40
N HIS A 278 -10.83 8.61 -18.06
CA HIS A 278 -11.17 9.61 -19.06
C HIS A 278 -10.50 10.92 -18.72
N ILE A 279 -9.85 11.51 -19.72
CA ILE A 279 -9.12 12.77 -19.55
C ILE A 279 -9.54 13.72 -20.65
N TRP A 280 -9.99 14.91 -20.26
CA TRP A 280 -10.25 16.00 -21.20
C TRP A 280 -9.00 16.89 -21.15
N ALA A 281 -8.12 16.74 -22.14
CA ALA A 281 -6.84 17.44 -22.16
C ALA A 281 -7.03 18.84 -22.75
N CYS A 282 -7.59 19.73 -21.94
CA CYS A 282 -7.90 21.09 -22.36
C CYS A 282 -7.29 22.03 -21.33
N PRO A 283 -6.37 22.91 -21.73
CA PRO A 283 -5.83 23.87 -20.77
C PRO A 283 -6.91 24.82 -20.31
N PRO A 284 -6.81 25.31 -19.07
CA PRO A 284 -7.75 26.34 -18.61
C PRO A 284 -7.53 27.65 -19.33
N SER A 285 -8.54 28.51 -19.25
CA SER A 285 -8.44 29.84 -19.83
C SER A 285 -7.34 30.64 -19.16
N GLU A 286 -6.76 31.57 -19.91
CA GLU A 286 -5.68 32.40 -19.41
C GLU A 286 -6.13 33.16 -18.16
N GLY A 287 -5.28 33.16 -17.15
CA GLY A 287 -5.62 33.71 -15.85
C GLY A 287 -4.64 33.20 -14.82
N ASP A 288 -4.86 33.62 -13.58
CA ASP A 288 -3.96 33.27 -12.51
C ASP A 288 -4.56 32.33 -11.46
N ASP A 289 -5.84 31.97 -11.59
CA ASP A 289 -6.52 31.11 -10.62
C ASP A 289 -7.14 29.94 -11.34
N TYR A 290 -6.76 28.71 -10.95
CA TYR A 290 -7.54 27.54 -11.38
C TYR A 290 -7.97 26.65 -10.21
N ILE A 291 -7.01 25.98 -9.59
CA ILE A 291 -7.19 25.37 -8.28
C ILE A 291 -6.44 26.15 -7.21
N PHE A 292 -5.22 26.57 -7.56
CA PHE A 292 -4.40 27.45 -6.74
C PHE A 292 -4.63 28.89 -7.19
N HIS A 293 -4.63 29.81 -6.23
CA HIS A 293 -4.85 31.22 -6.50
C HIS A 293 -3.51 31.92 -6.73
N CYS A 294 -3.44 32.75 -7.78
CA CYS A 294 -2.27 33.58 -8.10
C CYS A 294 -1.02 32.72 -8.34
N HIS A 295 -1.05 32.02 -9.48
CA HIS A 295 0.08 31.21 -9.92
C HIS A 295 1.33 32.09 -10.12
N PRO A 296 2.52 31.50 -10.08
CA PRO A 296 3.73 32.29 -10.37
C PRO A 296 3.66 32.88 -11.76
N PRO A 297 4.07 34.15 -11.92
CA PRO A 297 3.96 34.78 -13.24
C PRO A 297 4.79 34.09 -14.32
N ASP A 298 5.87 33.42 -13.96
CA ASP A 298 6.68 32.72 -14.95
C ASP A 298 6.25 31.26 -15.14
N GLN A 299 5.20 30.81 -14.47
CA GLN A 299 4.58 29.53 -14.77
C GLN A 299 3.48 29.76 -15.81
N LYS A 300 3.66 29.18 -16.99
CA LYS A 300 2.75 29.39 -18.11
C LYS A 300 1.79 28.22 -18.26
N ILE A 301 0.56 28.51 -18.64
CA ILE A 301 -0.40 27.45 -19.01
C ILE A 301 0.06 26.81 -20.32
N PRO A 302 0.18 25.49 -20.39
CA PRO A 302 0.57 24.86 -21.66
C PRO A 302 -0.47 25.08 -22.74
N LYS A 303 0.01 25.25 -23.97
CA LYS A 303 -0.87 25.27 -25.12
C LYS A 303 -1.42 23.86 -25.36
N PRO A 304 -2.59 23.76 -26.02
CA PRO A 304 -3.24 22.45 -26.19
C PRO A 304 -2.35 21.30 -26.69
N LYS A 305 -1.57 21.53 -27.74
CA LYS A 305 -0.77 20.43 -28.30
C LYS A 305 0.26 19.94 -27.29
N ARG A 306 0.91 20.84 -26.56
CA ARG A 306 1.90 20.42 -25.59
C ARG A 306 1.28 19.70 -24.41
N LEU A 307 0.10 20.15 -23.97
CA LEU A 307 -0.62 19.43 -22.92
C LEU A 307 -1.00 18.02 -23.38
N GLN A 308 -1.44 17.89 -24.62
CA GLN A 308 -1.78 16.58 -25.17
C GLN A 308 -0.57 15.67 -25.20
N GLU A 309 0.59 16.18 -25.63
CA GLU A 309 1.80 15.37 -25.66
C GLU A 309 2.22 14.98 -24.25
N TRP A 310 2.03 15.89 -23.29
CA TRP A 310 2.34 15.59 -21.90
C TRP A 310 1.50 14.42 -21.40
N PHE A 311 0.20 14.41 -21.70
CA PHE A 311 -0.65 13.29 -21.29
C PHE A 311 -0.25 12.00 -22.02
N LYS A 312 0.11 12.11 -23.30
CA LYS A 312 0.54 10.93 -24.04
C LYS A 312 1.79 10.33 -23.43
N LYS A 313 2.75 11.18 -23.03
CA LYS A 313 3.96 10.69 -22.39
C LYS A 313 3.63 9.96 -21.09
N MET A 314 2.71 10.50 -20.30
CA MET A 314 2.31 9.85 -19.07
C MET A 314 1.66 8.49 -19.36
N LEU A 315 0.74 8.46 -20.32
CA LEU A 315 0.02 7.22 -20.61
C LEU A 315 0.93 6.19 -21.27
N ASP A 316 1.90 6.63 -22.06
CA ASP A 316 2.86 5.70 -22.66
C ASP A 316 3.67 4.99 -21.58
N LYS A 317 4.09 5.73 -20.55
CA LYS A 317 4.79 5.08 -19.43
C LYS A 317 3.86 4.12 -18.70
N ALA A 318 2.59 4.48 -18.56
CA ALA A 318 1.63 3.58 -17.91
C ALA A 318 1.43 2.31 -18.72
N VAL A 319 1.47 2.41 -20.05
CA VAL A 319 1.38 1.22 -20.89
C VAL A 319 2.61 0.34 -20.71
N SER A 320 3.81 0.93 -20.70
CA SER A 320 5.03 0.15 -20.52
C SER A 320 5.07 -0.51 -19.14
N GLU A 321 4.45 0.08 -18.14
CA GLU A 321 4.38 -0.50 -16.80
C GLU A 321 3.29 -1.56 -16.68
N ARG A 322 2.57 -1.86 -17.76
CA ARG A 322 1.47 -2.82 -17.77
C ARG A 322 0.32 -2.39 -16.86
N ILE A 323 0.21 -1.08 -16.61
CA ILE A 323 -0.91 -0.57 -15.85
C ILE A 323 -2.08 -0.24 -16.78
N VAL A 324 -1.82 0.58 -17.79
CA VAL A 324 -2.81 0.87 -18.82
C VAL A 324 -2.64 -0.15 -19.94
N HIS A 325 -3.75 -0.83 -20.30
CA HIS A 325 -3.69 -1.77 -21.41
C HIS A 325 -3.45 -1.06 -22.73
N ASP A 326 -4.27 -0.06 -23.04
CA ASP A 326 -4.07 0.82 -24.19
C ASP A 326 -4.92 2.07 -23.97
N TYR A 327 -4.79 3.02 -24.90
CA TYR A 327 -5.63 4.21 -24.87
C TYR A 327 -5.88 4.66 -26.29
N LYS A 328 -7.00 5.37 -26.48
CA LYS A 328 -7.42 5.85 -27.79
C LYS A 328 -8.13 7.18 -27.63
N ASP A 329 -8.20 7.94 -28.71
CA ASP A 329 -9.02 9.13 -28.68
C ASP A 329 -10.50 8.73 -28.80
N ILE A 330 -11.38 9.69 -28.51
CA ILE A 330 -12.81 9.40 -28.42
C ILE A 330 -13.34 8.90 -29.76
N PHE A 331 -12.80 9.44 -30.87
CA PHE A 331 -13.26 9.07 -32.21
C PHE A 331 -12.94 7.62 -32.53
N LYS A 332 -11.68 7.23 -32.34
CA LYS A 332 -11.30 5.83 -32.57
C LYS A 332 -12.03 4.90 -31.61
N GLN A 333 -12.16 5.32 -30.34
CA GLN A 333 -12.85 4.49 -29.36
C GLN A 333 -14.31 4.27 -29.74
N ALA A 334 -14.99 5.32 -30.20
CA ALA A 334 -16.36 5.18 -30.66
C ALA A 334 -16.44 4.24 -31.84
N THR A 335 -15.47 4.33 -32.76
CA THR A 335 -15.44 3.44 -33.91
C THR A 335 -15.28 1.99 -33.49
N GLU A 336 -14.36 1.72 -32.56
CA GLU A 336 -14.18 0.36 -32.09
C GLU A 336 -15.42 -0.14 -31.36
N ASP A 337 -16.06 0.73 -30.57
CA ASP A 337 -17.24 0.37 -29.81
C ASP A 337 -18.50 0.33 -30.65
N ARG A 338 -18.42 0.66 -31.93
CA ARG A 338 -19.57 0.67 -32.84
C ARG A 338 -20.69 1.57 -32.33
N LEU A 339 -20.30 2.74 -31.85
CA LEU A 339 -21.26 3.70 -31.33
C LEU A 339 -22.17 4.19 -32.46
N THR A 340 -23.46 4.37 -32.13
CA THR A 340 -24.43 4.95 -33.04
C THR A 340 -25.16 6.17 -32.49
N SER A 341 -25.23 6.35 -31.17
CA SER A 341 -26.03 7.40 -30.58
C SER A 341 -25.27 8.10 -29.46
N ALA A 342 -25.62 9.37 -29.26
CA ALA A 342 -24.98 10.16 -28.20
C ALA A 342 -25.27 9.61 -26.81
N LYS A 343 -26.34 8.84 -26.64
CA LYS A 343 -26.65 8.25 -25.34
C LYS A 343 -25.62 7.22 -24.91
N GLU A 344 -24.75 6.76 -25.82
CA GLU A 344 -23.72 5.80 -25.50
C GLU A 344 -22.44 6.45 -24.99
N LEU A 345 -22.33 7.77 -25.06
CA LEU A 345 -21.13 8.45 -24.59
C LEU A 345 -21.21 8.66 -23.09
N PRO A 346 -20.13 8.39 -22.36
CA PRO A 346 -20.12 8.70 -20.92
C PRO A 346 -20.40 10.17 -20.66
N TYR A 347 -21.21 10.43 -19.64
CA TYR A 347 -21.78 11.75 -19.35
C TYR A 347 -21.25 12.21 -18.00
N PHE A 348 -20.24 13.09 -18.01
CA PHE A 348 -19.52 13.50 -16.81
C PHE A 348 -19.87 14.93 -16.43
N GLU A 349 -19.80 15.22 -15.13
CA GLU A 349 -20.11 16.57 -14.64
C GLU A 349 -19.09 17.57 -15.15
N GLY A 350 -19.59 18.67 -15.73
CA GLY A 350 -18.73 19.74 -16.18
C GLY A 350 -17.91 19.42 -17.41
N ASP A 351 -18.16 18.29 -18.06
CA ASP A 351 -17.36 17.91 -19.21
C ASP A 351 -17.85 18.62 -20.48
N PHE A 352 -16.99 18.57 -21.50
CA PHE A 352 -17.26 19.19 -22.80
C PHE A 352 -18.46 18.54 -23.50
N TRP A 353 -18.56 17.21 -23.45
CA TRP A 353 -19.54 16.49 -24.26
C TRP A 353 -20.99 16.78 -23.87
N PRO A 354 -21.36 16.84 -22.59
CA PRO A 354 -22.74 17.25 -22.27
C PRO A 354 -23.11 18.59 -22.86
N ASN A 355 -22.18 19.54 -22.91
CA ASN A 355 -22.48 20.86 -23.46
C ASN A 355 -22.65 20.82 -24.97
N VAL A 356 -21.74 20.14 -25.67
CA VAL A 356 -21.81 20.11 -27.12
C VAL A 356 -23.01 19.30 -27.59
N LEU A 357 -23.43 18.30 -26.82
CA LEU A 357 -24.60 17.52 -27.22
C LEU A 357 -25.88 18.35 -27.16
N GLU A 358 -25.97 19.28 -26.20
CA GLU A 358 -27.09 20.22 -26.19
C GLU A 358 -27.12 21.03 -27.48
N GLU A 359 -25.96 21.53 -27.90
CA GLU A 359 -25.90 22.30 -29.15
C GLU A 359 -26.24 21.44 -30.36
N SER A 360 -25.72 20.21 -30.40
CA SER A 360 -25.93 19.35 -31.57
C SER A 360 -27.40 19.01 -31.75
N ILE A 361 -28.10 18.71 -30.65
CA ILE A 361 -29.52 18.41 -30.73
C ILE A 361 -30.30 19.61 -31.25
N LYS A 362 -29.99 20.80 -30.72
CA LYS A 362 -30.69 22.02 -31.13
C LYS A 362 -30.40 22.35 -32.60
N GLU A 363 -29.12 22.28 -33.00
CA GLU A 363 -28.75 22.64 -34.36
C GLU A 363 -29.39 21.70 -35.38
N SER A 364 -29.50 20.42 -35.04
CA SER A 364 -30.03 19.42 -35.95
C SER A 364 -31.56 19.33 -35.92
N GLY A 365 -32.21 20.11 -35.08
CA GLY A 365 -33.66 20.04 -35.00
C GLY A 365 -34.20 18.89 -34.19
N GLY A 366 -33.35 18.19 -33.42
CA GLY A 366 -33.81 17.17 -32.51
C GLY A 366 -33.15 15.81 -32.65
N SER A 367 -32.01 15.73 -33.32
CA SER A 367 -31.31 14.47 -33.51
C SER A 367 -30.17 14.32 -32.51
N GLY A 368 -30.00 13.11 -31.98
CA GLY A 368 -28.89 12.84 -31.09
C GLY A 368 -27.81 12.00 -31.74
N SER A 369 -27.75 12.01 -33.07
CA SER A 369 -26.73 11.24 -33.78
C SER A 369 -26.12 11.92 -34.99
N GLN A 370 -26.67 13.05 -35.46
CA GLN A 370 -26.34 13.55 -36.78
C GLN A 370 -24.86 13.86 -36.93
N LYS A 371 -24.35 14.78 -36.11
CA LYS A 371 -22.97 15.25 -36.23
C LYS A 371 -22.05 14.60 -35.20
N LEU A 372 -22.46 13.48 -34.62
CA LEU A 372 -21.70 12.89 -33.51
C LEU A 372 -20.30 12.50 -33.94
N TYR A 373 -20.17 11.73 -35.02
CA TYR A 373 -18.85 11.27 -35.44
C TYR A 373 -17.99 12.41 -35.96
N ALA A 374 -18.59 13.36 -36.68
CA ALA A 374 -17.83 14.51 -37.16
C ALA A 374 -17.33 15.36 -36.00
N THR A 375 -18.18 15.59 -35.00
CA THR A 375 -17.75 16.35 -33.82
C THR A 375 -16.67 15.60 -33.04
N MET A 376 -16.81 14.27 -32.93
CA MET A 376 -15.79 13.49 -32.25
C MET A 376 -14.46 13.54 -32.98
N GLU A 377 -14.48 13.46 -34.31
CA GLU A 377 -13.25 13.55 -35.09
C GLU A 377 -12.61 14.93 -34.97
N LYS A 378 -13.43 15.99 -34.93
CA LYS A 378 -12.90 17.34 -34.83
C LYS A 378 -12.11 17.54 -33.54
N HIS A 379 -12.54 16.93 -32.45
CA HIS A 379 -11.94 17.14 -31.14
C HIS A 379 -11.19 15.92 -30.61
N LYS A 380 -10.83 14.97 -31.48
CA LYS A 380 -10.38 13.67 -31.00
C LYS A 380 -9.12 13.78 -30.13
N GLU A 381 -8.17 14.62 -30.56
CA GLU A 381 -6.88 14.72 -29.87
C GLU A 381 -7.01 15.24 -28.44
N VAL A 382 -8.16 15.85 -28.09
CA VAL A 382 -8.33 16.43 -26.77
C VAL A 382 -8.91 15.45 -25.76
N PHE A 383 -9.46 14.33 -26.22
CA PHE A 383 -10.19 13.40 -25.36
C PHE A 383 -9.53 12.04 -25.37
N PHE A 384 -9.01 11.62 -24.21
CA PHE A 384 -8.36 10.33 -24.06
C PHE A 384 -9.31 9.36 -23.37
N VAL A 385 -9.44 8.16 -23.94
CA VAL A 385 -10.16 7.06 -23.32
C VAL A 385 -9.14 6.00 -22.95
N ILE A 386 -9.00 5.72 -21.65
CA ILE A 386 -7.90 4.94 -21.11
C ILE A 386 -8.44 3.60 -20.60
N ARG A 387 -8.04 2.52 -21.25
CA ARG A 387 -8.52 1.19 -20.89
C ARG A 387 -7.61 0.60 -19.81
N LEU A 388 -8.16 0.41 -18.61
CA LEU A 388 -7.41 -0.17 -17.51
C LEU A 388 -7.56 -1.69 -17.46
N ILE A 389 -8.79 -2.18 -17.57
CA ILE A 389 -9.07 -3.62 -17.57
C ILE A 389 -9.74 -3.98 -18.89
N ALA A 390 -9.14 -4.92 -19.61
CA ALA A 390 -9.58 -5.34 -20.93
C ALA A 390 -9.84 -6.84 -20.95
N GLY A 391 -10.45 -7.32 -22.02
CA GLY A 391 -10.60 -8.73 -22.22
C GLY A 391 -11.69 -9.36 -21.37
N PRO A 392 -11.61 -10.67 -21.16
CA PRO A 392 -12.62 -11.35 -20.34
C PRO A 392 -12.70 -10.86 -18.91
N ALA A 393 -11.58 -10.36 -18.35
CA ALA A 393 -11.60 -9.91 -16.97
C ALA A 393 -12.55 -8.74 -16.75
N ALA A 394 -12.71 -7.87 -17.75
CA ALA A 394 -13.57 -6.70 -17.60
C ALA A 394 -15.06 -7.05 -17.51
N ASN A 395 -15.42 -8.30 -17.78
CA ASN A 395 -16.82 -8.70 -17.83
C ASN A 395 -17.26 -9.49 -16.59
N SER A 396 -16.32 -9.96 -15.78
CA SER A 396 -16.64 -10.78 -14.62
C SER A 396 -16.15 -10.12 -13.33
N LEU A 397 -16.16 -8.80 -13.28
CA LEU A 397 -15.56 -8.14 -12.12
C LEU A 397 -16.51 -8.16 -10.93
N PRO A 398 -15.96 -8.24 -9.72
CA PRO A 398 -16.79 -8.09 -8.51
C PRO A 398 -17.16 -6.63 -8.30
N PRO A 399 -18.08 -6.34 -7.40
CA PRO A 399 -18.44 -4.95 -7.14
C PRO A 399 -17.23 -4.15 -6.65
N ILE A 400 -17.24 -2.86 -6.95
CA ILE A 400 -16.19 -1.98 -6.46
C ILE A 400 -16.52 -1.60 -5.02
N VAL A 401 -15.62 -1.92 -4.10
CA VAL A 401 -15.75 -1.58 -2.70
C VAL A 401 -14.56 -0.71 -2.34
N ASP A 402 -14.84 0.55 -2.00
CA ASP A 402 -13.79 1.49 -1.65
C ASP A 402 -13.50 1.41 -0.16
N PRO A 403 -12.31 0.99 0.26
CA PRO A 403 -12.01 0.93 1.70
C PRO A 403 -11.94 2.29 2.37
N ASP A 404 -11.78 3.37 1.60
CA ASP A 404 -11.63 4.67 2.25
C ASP A 404 -13.00 5.28 2.55
N PRO A 405 -13.14 5.94 3.70
CA PRO A 405 -14.42 6.55 4.06
C PRO A 405 -14.64 7.86 3.35
N LEU A 406 -15.88 8.34 3.44
CA LEU A 406 -16.20 9.67 2.98
C LEU A 406 -15.46 10.71 3.81
N ILE A 407 -15.02 11.79 3.16
CA ILE A 407 -14.35 12.87 3.87
C ILE A 407 -15.13 14.14 3.60
N PRO A 408 -16.06 14.53 4.47
CA PRO A 408 -16.76 15.82 4.31
C PRO A 408 -15.79 16.97 4.52
N CYS A 409 -15.67 17.83 3.51
CA CYS A 409 -14.85 19.03 3.63
C CYS A 409 -15.39 19.98 2.58
N ASP A 410 -16.21 20.94 3.01
CA ASP A 410 -16.84 21.87 2.07
C ASP A 410 -15.84 22.79 1.41
N LEU A 411 -14.69 23.02 2.04
CA LEU A 411 -13.64 23.82 1.41
C LEU A 411 -13.11 23.16 0.15
N MET A 412 -13.23 21.83 0.04
CA MET A 412 -12.66 21.09 -1.07
C MET A 412 -13.71 20.34 -1.88
N ASP A 413 -14.98 20.74 -1.76
CA ASP A 413 -16.05 20.21 -2.62
C ASP A 413 -16.09 21.09 -3.87
N GLY A 414 -15.38 20.65 -4.91
CA GLY A 414 -15.12 21.50 -6.04
C GLY A 414 -13.98 22.45 -5.76
N ARG A 415 -13.52 23.14 -6.81
CA ARG A 415 -12.36 24.00 -6.69
C ARG A 415 -12.70 25.44 -6.33
N ASP A 416 -13.98 25.82 -6.35
CA ASP A 416 -14.34 27.22 -6.16
C ASP A 416 -14.11 27.67 -4.72
N ALA A 417 -14.46 26.82 -3.74
CA ALA A 417 -14.40 27.24 -2.35
C ALA A 417 -12.97 27.55 -1.90
N PHE A 418 -12.00 26.73 -2.31
CA PHE A 418 -10.60 26.98 -1.92
C PHE A 418 -10.08 28.25 -2.57
N LEU A 419 -10.45 28.50 -3.82
CA LEU A 419 -10.07 29.76 -4.47
C LEU A 419 -10.62 30.96 -3.70
N THR A 420 -11.88 30.87 -3.25
CA THR A 420 -12.49 31.97 -2.51
C THR A 420 -11.78 32.23 -1.19
N LEU A 421 -11.43 31.17 -0.46
CA LEU A 421 -10.68 31.35 0.78
C LEU A 421 -9.34 32.01 0.53
N ALA A 422 -8.63 31.58 -0.52
CA ALA A 422 -7.33 32.17 -0.83
C ALA A 422 -7.45 33.64 -1.20
N ARG A 423 -8.47 33.98 -2.01
CA ARG A 423 -8.71 35.38 -2.34
C ARG A 423 -9.02 36.20 -1.09
N ASP A 424 -9.83 35.66 -0.18
CA ASP A 424 -10.26 36.41 0.99
C ASP A 424 -9.14 36.59 2.01
N LYS A 425 -8.08 35.78 1.94
CA LYS A 425 -7.01 35.84 2.92
C LYS A 425 -5.64 36.09 2.29
N HIS A 426 -5.62 36.54 1.04
CA HIS A 426 -4.38 36.86 0.33
C HIS A 426 -3.42 35.68 0.29
N LEU A 427 -3.95 34.47 0.07
CA LEU A 427 -3.11 33.27 0.01
C LEU A 427 -2.73 33.04 -1.45
N GLU A 428 -1.59 33.61 -1.85
CA GLU A 428 -1.10 33.44 -3.21
C GLU A 428 -0.11 32.30 -3.27
N PHE A 429 -0.01 31.70 -4.45
CA PHE A 429 1.01 30.70 -4.77
C PHE A 429 1.97 31.24 -5.83
N SER A 430 2.23 32.55 -5.76
CA SER A 430 2.97 33.28 -6.79
C SER A 430 4.48 33.23 -6.60
N SER A 431 4.95 32.79 -5.43
CA SER A 431 6.37 32.67 -5.15
C SER A 431 6.53 31.51 -4.18
N LEU A 432 7.77 31.05 -4.02
CA LEU A 432 8.01 29.96 -3.08
C LEU A 432 7.61 30.36 -1.67
N ARG A 433 8.00 31.57 -1.24
CA ARG A 433 7.68 32.00 0.12
C ARG A 433 6.18 32.17 0.32
N ARG A 434 5.48 32.77 -0.65
CA ARG A 434 4.03 32.94 -0.52
C ARG A 434 3.32 31.60 -0.63
N ALA A 435 3.81 30.71 -1.51
CA ALA A 435 3.20 29.38 -1.60
C ALA A 435 3.40 28.59 -0.32
N GLN A 436 4.56 28.72 0.32
CA GLN A 436 4.78 28.05 1.60
C GLN A 436 3.84 28.60 2.67
N TRP A 437 3.63 29.92 2.69
CA TRP A 437 2.68 30.52 3.62
C TRP A 437 1.25 30.09 3.31
N SER A 438 0.87 30.11 2.03
CA SER A 438 -0.48 29.69 1.67
C SER A 438 -0.69 28.22 1.97
N THR A 439 0.35 27.40 1.80
CA THR A 439 0.27 26.00 2.19
C THR A 439 0.04 25.86 3.68
N MET A 440 0.77 26.64 4.48
CA MET A 440 0.61 26.58 5.94
C MET A 440 -0.80 26.97 6.35
N CYS A 441 -1.34 28.04 5.78
CA CYS A 441 -2.71 28.45 6.11
C CYS A 441 -3.73 27.44 5.62
N MET A 442 -3.53 26.90 4.42
CA MET A 442 -4.45 25.90 3.88
C MET A 442 -4.51 24.67 4.77
N LEU A 443 -3.35 24.23 5.26
CA LEU A 443 -3.31 23.07 6.13
C LEU A 443 -4.00 23.35 7.46
N VAL A 444 -3.83 24.56 8.00
CA VAL A 444 -4.54 24.93 9.23
C VAL A 444 -6.05 24.83 9.02
N GLU A 445 -6.54 25.41 7.93
CA GLU A 445 -7.98 25.36 7.65
C GLU A 445 -8.46 23.92 7.51
N LEU A 446 -7.70 23.08 6.81
CA LEU A 446 -8.11 21.68 6.66
C LEU A 446 -8.11 20.94 8.00
N HIS A 447 -7.14 21.24 8.87
CA HIS A 447 -7.09 20.57 10.16
C HIS A 447 -8.17 21.07 11.11
N THR A 448 -8.57 22.34 10.99
CA THR A 448 -9.54 22.91 11.92
C THR A 448 -10.97 22.62 11.50
N GLN A 449 -11.26 22.72 10.20
CA GLN A 449 -12.61 22.46 9.72
C GLN A 449 -13.01 21.02 10.01
N SER A 450 -12.05 20.10 9.95
CA SER A 450 -12.34 18.70 10.25
C SER A 450 -12.61 18.49 11.74
N GLN A 451 -11.92 19.23 12.61
CA GLN A 451 -12.06 19.03 14.05
C GLN A 451 -13.47 19.33 14.53
N ASP A 452 -14.16 20.26 13.88
CA ASP A 452 -15.54 20.58 14.22
C ASP A 452 -16.46 19.40 13.93
N TYR B 6 -3.37 -23.16 43.32
CA TYR B 6 -4.68 -23.61 42.88
C TYR B 6 -5.32 -22.56 41.97
N CYS B 7 -4.48 -21.92 41.15
CA CYS B 7 -4.91 -20.74 40.38
C CYS B 7 -6.18 -21.06 39.62
N CYS B 8 -6.09 -21.98 38.68
CA CYS B 8 -7.25 -22.68 38.17
C CYS B 8 -7.32 -24.03 38.88
N GLY B 9 -8.42 -24.73 38.68
CA GLY B 9 -8.57 -26.04 39.30
C GLY B 9 -7.76 -27.14 38.65
N ARG B 10 -6.70 -26.79 37.92
CA ARG B 10 -6.01 -27.72 37.05
C ARG B 10 -4.58 -27.99 37.51
N LYS B 11 -4.22 -29.28 37.54
CA LYS B 11 -2.84 -29.71 37.71
C LYS B 11 -2.21 -29.83 36.33
N LEU B 12 -1.23 -28.99 36.04
CA LEU B 12 -0.72 -28.84 34.69
C LEU B 12 0.76 -29.22 34.61
N GLU B 13 1.10 -30.01 33.59
CA GLU B 13 2.47 -30.39 33.31
C GLU B 13 2.70 -30.28 31.80
N PHE B 14 3.96 -30.08 31.43
CA PHE B 14 4.34 -29.98 30.03
C PHE B 14 4.43 -31.36 29.39
N SER B 15 4.14 -31.41 28.10
CA SER B 15 4.18 -32.68 27.40
C SER B 15 5.63 -33.12 27.19
N PRO B 16 5.92 -34.41 27.32
CA PRO B 16 7.23 -34.91 26.88
C PRO B 16 7.40 -34.61 25.40
N GLN B 17 8.47 -33.88 25.09
CA GLN B 17 8.65 -33.47 23.71
C GLN B 17 9.30 -34.58 22.89
N THR B 18 9.29 -34.38 21.57
CA THR B 18 9.90 -35.35 20.68
C THR B 18 11.38 -35.09 20.56
N LEU B 19 12.16 -36.15 20.54
CA LEU B 19 13.61 -36.06 20.52
C LEU B 19 14.15 -36.56 19.19
N CYS B 20 15.30 -36.01 18.81
CA CYS B 20 16.02 -36.51 17.66
C CYS B 20 16.74 -37.81 18.00
N CYS B 21 16.83 -38.70 17.02
CA CYS B 21 17.56 -39.95 17.16
C CYS B 21 18.80 -39.81 16.29
N TYR B 22 19.96 -39.68 16.96
CA TYR B 22 21.26 -39.66 16.30
C TYR B 22 21.44 -40.87 15.39
N GLY B 23 22.41 -40.79 14.49
CA GLY B 23 22.71 -41.93 13.63
C GLY B 23 21.59 -42.36 12.72
N LYS B 24 20.68 -41.44 12.36
CA LYS B 24 19.68 -41.67 11.32
C LYS B 24 19.00 -40.36 10.98
N GLN B 25 19.10 -39.93 9.73
CA GLN B 25 18.34 -38.76 9.32
C GLN B 25 16.85 -39.06 9.40
N LEU B 26 16.09 -38.07 9.84
CA LEU B 26 14.62 -38.15 9.94
C LEU B 26 14.15 -39.18 10.95
N CYS B 27 15.00 -39.63 11.87
CA CYS B 27 14.53 -40.49 12.95
C CYS B 27 14.24 -39.64 14.16
N THR B 28 13.11 -39.91 14.80
CA THR B 28 12.67 -39.16 15.96
C THR B 28 12.29 -40.12 17.07
N ILE B 29 12.43 -39.65 18.31
CA ILE B 29 12.05 -40.42 19.48
C ILE B 29 10.75 -39.82 20.02
N PRO B 30 9.61 -40.51 19.87
CA PRO B 30 8.33 -39.94 20.29
C PRO B 30 8.02 -40.16 21.77
N ARG B 31 6.82 -39.75 22.18
CA ARG B 31 6.38 -39.94 23.55
C ARG B 31 6.31 -41.42 23.87
N ASP B 32 6.71 -41.76 25.09
CA ASP B 32 6.66 -43.11 25.66
C ASP B 32 7.61 -44.09 24.98
N ALA B 33 8.44 -43.62 24.05
CA ALA B 33 9.36 -44.52 23.39
C ALA B 33 10.56 -44.77 24.29
N THR B 34 11.03 -46.02 24.31
CA THR B 34 12.24 -46.37 25.01
C THR B 34 13.43 -45.92 24.17
N TYR B 35 14.43 -45.32 24.83
CA TYR B 35 15.57 -44.81 24.10
C TYR B 35 16.81 -44.87 24.99
N TYR B 36 17.95 -44.59 24.36
CA TYR B 36 19.24 -44.62 25.03
C TYR B 36 19.89 -43.25 24.89
N SER B 37 20.48 -42.75 25.97
CA SER B 37 21.02 -41.41 25.99
C SER B 37 22.40 -41.40 26.61
N TYR B 38 23.23 -40.47 26.13
CA TYR B 38 24.56 -40.22 26.66
C TYR B 38 24.69 -38.73 26.93
N GLN B 39 24.93 -38.38 28.19
CA GLN B 39 25.10 -36.99 28.61
C GLN B 39 23.89 -36.13 28.24
N ASN B 40 22.70 -36.75 28.18
CA ASN B 40 21.46 -36.06 27.84
C ASN B 40 21.58 -35.25 26.56
N ARG B 41 22.51 -35.67 25.69
CA ARG B 41 22.81 -34.99 24.43
C ARG B 41 22.67 -35.88 23.22
N TYR B 42 23.14 -37.12 23.31
CA TYR B 42 23.11 -38.07 22.20
C TYR B 42 22.04 -39.09 22.50
N HIS B 43 20.91 -38.98 21.81
CA HIS B 43 19.77 -39.85 22.03
C HIS B 43 19.61 -40.79 20.86
N PHE B 44 19.33 -42.06 21.17
CA PHE B 44 19.15 -43.11 20.17
C PHE B 44 17.87 -43.84 20.47
N CYS B 45 17.00 -43.98 19.46
CA CYS B 45 15.86 -44.86 19.60
C CYS B 45 16.35 -46.30 19.73
N GLU B 46 15.54 -47.15 20.36
CA GLU B 46 15.98 -48.51 20.65
C GLU B 46 16.36 -49.25 19.37
N LYS B 47 15.62 -49.03 18.29
CA LYS B 47 15.91 -49.72 17.04
C LYS B 47 17.27 -49.33 16.47
N CYS B 48 17.52 -48.02 16.31
CA CYS B 48 18.79 -47.58 15.77
C CYS B 48 19.95 -47.97 16.68
N PHE B 49 19.69 -48.05 17.97
CA PHE B 49 20.69 -48.49 18.93
C PHE B 49 20.90 -50.00 18.83
N ASN B 50 19.80 -50.76 18.71
CA ASN B 50 19.89 -52.20 18.62
C ASN B 50 20.49 -52.65 17.30
N GLU B 51 20.57 -51.77 16.31
CA GLU B 51 21.37 -52.03 15.11
C GLU B 51 22.83 -51.85 15.54
N ILE B 52 23.29 -52.80 16.33
CA ILE B 52 24.61 -52.74 16.96
C ILE B 52 25.69 -53.20 15.98
N GLN B 53 26.47 -52.24 15.48
CA GLN B 53 27.72 -52.55 14.78
C GLN B 53 28.86 -52.67 15.79
N GLY B 54 28.68 -53.49 16.82
CA GLY B 54 29.60 -53.52 17.93
C GLY B 54 28.99 -52.87 19.16
N GLU B 55 29.82 -52.79 20.21
CA GLU B 55 29.44 -52.12 21.45
C GLU B 55 29.92 -50.68 21.51
N SER B 56 30.46 -50.16 20.40
CA SER B 56 30.97 -48.79 20.31
C SER B 56 30.08 -47.96 19.40
N VAL B 57 29.90 -46.69 19.75
CA VAL B 57 29.06 -45.75 19.00
C VAL B 57 29.88 -44.49 18.73
N SER B 58 30.04 -44.16 17.45
CA SER B 58 30.70 -42.90 17.09
C SER B 58 29.77 -41.75 17.40
N LEU B 59 30.25 -40.79 18.19
CA LEU B 59 29.43 -39.68 18.64
C LEU B 59 30.11 -38.34 18.33
N GLN B 67 35.75 -37.09 16.24
CA GLN B 67 34.78 -38.16 16.52
C GLN B 67 35.17 -38.95 17.76
N THR B 68 34.22 -39.10 18.68
CA THR B 68 34.43 -39.87 19.89
C THR B 68 33.70 -41.20 19.81
N THR B 69 34.39 -42.29 20.17
CA THR B 69 33.79 -43.62 20.21
C THR B 69 33.49 -43.97 21.66
N ILE B 70 32.20 -44.18 21.97
CA ILE B 70 31.76 -44.43 23.34
C ILE B 70 31.03 -45.77 23.39
N ASN B 71 31.16 -46.46 24.52
CA ASN B 71 30.57 -47.77 24.72
C ASN B 71 29.06 -47.64 24.98
N LYS B 72 28.33 -48.68 24.56
CA LYS B 72 26.87 -48.69 24.73
C LYS B 72 26.48 -48.83 26.19
N GLU B 73 27.35 -49.42 27.02
CA GLU B 73 27.06 -49.52 28.45
C GLU B 73 27.12 -48.16 29.13
N GLN B 74 27.79 -47.18 28.52
CA GLN B 74 27.79 -45.82 29.04
C GLN B 74 26.49 -45.08 28.74
N PHE B 75 25.61 -45.67 27.92
CA PHE B 75 24.31 -45.10 27.60
C PHE B 75 23.28 -45.52 28.65
N SER B 76 22.30 -44.64 28.89
CA SER B 76 21.23 -44.89 29.84
C SER B 76 19.95 -45.33 29.11
N LYS B 77 19.31 -46.38 29.60
CA LYS B 77 18.03 -46.82 29.04
C LYS B 77 16.91 -46.01 29.71
N ARG B 78 16.15 -45.28 28.89
CA ARG B 78 15.15 -44.35 29.39
C ARG B 78 13.89 -44.43 28.55
N LYS B 79 12.82 -43.87 29.10
CA LYS B 79 11.56 -43.71 28.40
C LYS B 79 11.19 -42.23 28.34
N ASN B 80 10.62 -41.80 27.22
CA ASN B 80 10.25 -40.40 27.04
C ASN B 80 8.93 -40.14 27.78
N ASP B 81 9.00 -40.24 29.11
CA ASP B 81 7.83 -40.11 29.96
C ASP B 81 8.02 -39.05 31.05
N THR B 82 9.01 -38.17 30.91
CA THR B 82 9.27 -37.16 31.93
C THR B 82 8.32 -35.99 31.75
N LEU B 83 7.54 -35.70 32.78
CA LEU B 83 6.55 -34.63 32.76
C LEU B 83 7.03 -33.49 33.66
N ASP B 84 7.42 -32.39 33.05
CA ASP B 84 7.84 -31.23 33.82
C ASP B 84 6.61 -30.42 34.24
N PRO B 85 6.41 -30.18 35.54
CA PRO B 85 5.26 -29.38 35.96
C PRO B 85 5.35 -27.94 35.49
N GLU B 86 4.19 -27.34 35.26
CA GLU B 86 4.14 -25.92 34.96
C GLU B 86 4.58 -25.13 36.18
N LEU B 87 5.18 -23.97 35.94
CA LEU B 87 5.71 -23.13 37.00
C LEU B 87 4.64 -22.17 37.53
N PHE B 88 4.73 -21.86 38.82
CA PHE B 88 3.84 -20.93 39.48
C PHE B 88 4.58 -19.61 39.75
N VAL B 89 3.81 -18.53 39.78
CA VAL B 89 4.30 -17.24 40.26
C VAL B 89 3.47 -16.85 41.47
N GLU B 90 4.08 -16.07 42.36
CA GLU B 90 3.45 -15.67 43.61
C GLU B 90 3.19 -14.17 43.59
N CYS B 91 1.96 -13.77 43.89
CA CYS B 91 1.67 -12.36 44.03
C CYS B 91 2.52 -11.77 45.15
N THR B 92 3.19 -10.65 44.86
CA THR B 92 4.09 -10.03 45.83
C THR B 92 3.35 -9.31 46.95
N GLU B 93 2.03 -9.20 46.86
CA GLU B 93 1.25 -8.48 47.86
C GLU B 93 0.34 -9.37 48.69
N CYS B 94 -0.39 -10.30 48.07
CA CYS B 94 -1.23 -11.25 48.81
C CYS B 94 -0.58 -12.61 49.04
N GLY B 95 0.41 -13.01 48.23
CA GLY B 95 0.92 -14.37 48.27
C GLY B 95 0.15 -15.40 47.48
N ARG B 96 -0.87 -15.01 46.73
CA ARG B 96 -1.62 -15.96 45.92
C ARG B 96 -0.73 -16.56 44.84
N LYS B 97 -0.79 -17.89 44.72
CA LYS B 97 0.02 -18.62 43.75
C LYS B 97 -0.79 -18.88 42.49
N MET B 98 -0.23 -18.49 41.34
CA MET B 98 -0.90 -18.65 40.06
C MET B 98 0.06 -19.26 39.05
N HIS B 99 -0.48 -20.08 38.15
CA HIS B 99 0.30 -20.56 37.02
C HIS B 99 0.85 -19.36 36.26
N GLN B 100 2.17 -19.36 36.01
CA GLN B 100 2.79 -18.27 35.27
C GLN B 100 2.14 -18.09 33.90
N ILE B 101 1.77 -19.20 33.25
CA ILE B 101 1.16 -19.11 31.94
C ILE B 101 -0.26 -18.56 32.04
N CYS B 102 -1.00 -18.93 33.10
CA CYS B 102 -2.38 -18.47 33.26
C CYS B 102 -2.45 -16.95 33.42
N VAL B 103 -1.47 -16.37 34.11
CA VAL B 103 -1.47 -14.92 34.34
C VAL B 103 -0.55 -14.17 33.38
N LEU B 104 0.21 -14.88 32.55
CA LEU B 104 1.10 -14.26 31.57
C LEU B 104 2.05 -13.24 32.21
N HIS B 105 2.70 -13.65 33.29
CA HIS B 105 3.67 -12.80 33.96
C HIS B 105 5.07 -13.07 33.42
N HIS B 106 5.71 -12.06 32.86
CA HIS B 106 7.06 -12.15 32.33
C HIS B 106 7.94 -11.17 33.09
N GLU B 107 9.04 -11.67 33.66
CA GLU B 107 9.89 -10.86 34.52
C GLU B 107 10.53 -9.69 33.77
N ILE B 108 10.82 -9.86 32.48
CA ILE B 108 11.44 -8.77 31.73
C ILE B 108 10.44 -7.64 31.51
N ILE B 109 9.18 -7.98 31.24
CA ILE B 109 8.17 -6.96 31.00
C ILE B 109 7.82 -6.24 32.31
N TRP B 110 7.76 -6.97 33.42
CA TRP B 110 7.42 -6.42 34.73
C TRP B 110 8.46 -6.84 35.75
N PRO B 111 9.63 -6.19 35.77
CA PRO B 111 10.69 -6.59 36.71
C PRO B 111 10.34 -6.36 38.17
N ALA B 112 9.40 -5.44 38.46
CA ALA B 112 9.07 -5.15 39.85
C ALA B 112 8.39 -6.33 40.54
N GLY B 113 7.80 -7.24 39.78
CA GLY B 113 7.18 -8.43 40.33
C GLY B 113 5.74 -8.57 39.90
N PHE B 114 5.19 -9.74 40.19
CA PHE B 114 3.82 -10.08 39.83
C PHE B 114 2.87 -9.65 40.95
N VAL B 115 1.89 -8.82 40.60
CA VAL B 115 0.75 -8.52 41.45
C VAL B 115 -0.50 -8.99 40.73
N CYS B 116 -1.30 -9.81 41.40
CA CYS B 116 -2.43 -10.44 40.73
C CYS B 116 -3.53 -9.42 40.42
N ASP B 117 -4.41 -9.80 39.50
CA ASP B 117 -5.48 -8.90 39.08
C ASP B 117 -6.40 -8.55 40.23
N GLY B 118 -6.60 -9.48 41.18
CA GLY B 118 -7.42 -9.16 42.33
C GLY B 118 -6.88 -8.00 43.13
N CYS B 119 -5.56 -8.01 43.40
CA CYS B 119 -4.96 -6.87 44.09
C CYS B 119 -4.92 -5.62 43.23
N LEU B 120 -4.79 -5.78 41.90
CA LEU B 120 -4.77 -4.61 41.01
C LEU B 120 -6.13 -3.93 40.97
N LYS B 121 -7.18 -4.71 40.74
CA LYS B 121 -8.53 -4.15 40.63
C LYS B 121 -9.00 -3.56 41.96
N LYS B 122 -8.57 -4.14 43.08
CA LYS B 122 -9.02 -3.64 44.38
C LYS B 122 -8.42 -2.27 44.70
N SER B 123 -7.30 -1.93 44.09
CA SER B 123 -6.73 -0.60 44.20
C SER B 123 -6.97 0.21 42.94
N ALA B 124 -7.86 -0.28 42.07
CA ALA B 124 -8.17 0.36 40.78
C ALA B 124 -6.90 0.67 40.00
N ARG B 125 -6.00 -0.31 39.94
CA ARG B 125 -4.71 -0.18 39.29
C ARG B 125 -4.63 -1.12 38.11
N THR B 126 -3.83 -0.75 37.10
CA THR B 126 -3.62 -1.57 35.93
C THR B 126 -2.14 -1.88 35.76
N ARG B 127 -1.87 -2.99 35.07
CA ARG B 127 -0.50 -3.38 34.76
C ARG B 127 0.18 -2.34 33.88
N LYS B 128 1.48 -2.14 34.11
CA LYS B 128 2.25 -1.27 33.24
C LYS B 128 2.21 -1.82 31.81
N GLU B 129 2.15 -0.91 30.84
CA GLU B 129 1.98 -1.31 29.45
C GLU B 129 3.09 -2.26 29.01
N ASN B 130 2.70 -3.32 28.32
CA ASN B 130 3.66 -4.25 27.71
C ASN B 130 4.26 -3.55 26.50
N LYS B 131 5.49 -3.05 26.66
CA LYS B 131 6.21 -2.41 25.57
C LYS B 131 6.84 -3.40 24.60
N PHE B 132 6.77 -4.70 24.91
CA PHE B 132 7.33 -5.76 24.08
C PHE B 132 6.26 -6.42 23.23
N SER B 133 5.36 -5.63 22.66
CA SER B 133 4.21 -6.14 21.96
C SER B 133 4.52 -6.41 20.49
N ALA B 134 3.61 -7.15 19.84
CA ALA B 134 3.76 -7.40 18.41
C ALA B 134 3.68 -6.11 17.62
N LYS B 135 2.74 -5.22 17.98
CA LYS B 135 2.55 -3.97 17.25
C LYS B 135 3.80 -3.11 17.31
N ARG B 136 4.52 -3.14 18.42
CA ARG B 136 5.72 -2.32 18.60
C ARG B 136 6.96 -2.95 17.98
N LEU B 137 6.86 -4.13 17.39
CA LEU B 137 7.97 -4.64 16.59
C LEU B 137 8.23 -3.70 15.42
N PRO B 138 9.47 -3.52 15.01
CA PRO B 138 9.77 -2.56 13.93
C PRO B 138 8.96 -2.88 12.68
N SER B 139 8.39 -1.83 12.09
CA SER B 139 7.51 -2.01 10.95
C SER B 139 8.31 -2.07 9.64
N THR B 140 7.69 -2.66 8.63
CA THR B 140 8.28 -2.76 7.31
C THR B 140 7.21 -2.42 6.29
N ARG B 141 7.66 -2.08 5.08
CA ARG B 141 6.73 -1.88 3.98
C ARG B 141 5.96 -3.16 3.67
N LEU B 142 6.66 -4.31 3.69
CA LEU B 142 5.99 -5.57 3.41
C LEU B 142 4.95 -5.89 4.50
N GLY B 143 5.35 -5.79 5.76
CA GLY B 143 4.43 -6.10 6.85
C GLY B 143 3.24 -5.16 6.89
N THR B 144 3.47 -3.87 6.63
CA THR B 144 2.36 -2.92 6.57
C THR B 144 1.40 -3.27 5.43
N PHE B 145 1.95 -3.59 4.26
CA PHE B 145 1.13 -3.98 3.11
C PHE B 145 0.26 -5.18 3.44
N LEU B 146 0.83 -6.19 4.12
CA LEU B 146 0.09 -7.42 4.41
C LEU B 146 -0.99 -7.18 5.45
N GLU B 147 -0.65 -6.49 6.56
CA GLU B 147 -1.62 -6.30 7.63
C GLU B 147 -2.75 -5.35 7.21
N ASN B 148 -2.45 -4.35 6.37
CA ASN B 148 -3.51 -3.52 5.85
C ASN B 148 -4.50 -4.33 5.02
N ARG B 149 -3.99 -5.25 4.21
CA ARG B 149 -4.85 -6.11 3.42
C ARG B 149 -5.72 -6.99 4.30
N VAL B 150 -5.12 -7.61 5.32
CA VAL B 150 -5.87 -8.51 6.20
C VAL B 150 -6.94 -7.74 6.97
N ASN B 151 -6.56 -6.59 7.53
CA ASN B 151 -7.48 -5.83 8.36
C ASN B 151 -8.61 -5.22 7.53
N ASP B 152 -8.31 -4.80 6.30
CA ASP B 152 -9.37 -4.35 5.39
C ASP B 152 -10.35 -5.48 5.08
N PHE B 153 -9.83 -6.68 4.86
CA PHE B 153 -10.69 -7.84 4.64
C PHE B 153 -11.56 -8.10 5.88
N LEU B 154 -10.97 -8.03 7.08
CA LEU B 154 -11.74 -8.29 8.29
C LEU B 154 -12.85 -7.27 8.47
N ARG B 155 -12.60 -6.01 8.14
CA ARG B 155 -13.65 -5.01 8.24
C ARG B 155 -14.77 -5.26 7.24
N ARG B 156 -14.47 -5.83 6.07
CA ARG B 156 -15.54 -6.19 5.14
C ARG B 156 -16.42 -7.30 5.69
N GLN B 157 -15.84 -8.26 6.41
CA GLN B 157 -16.64 -9.33 6.99
C GLN B 157 -17.43 -8.84 8.19
N ASN B 158 -16.89 -7.86 8.92
CA ASN B 158 -17.54 -7.27 10.09
C ASN B 158 -17.98 -8.34 11.07
N HIS B 159 -17.04 -9.25 11.41
CA HIS B 159 -17.35 -10.30 12.38
C HIS B 159 -16.98 -9.82 13.78
N PRO B 160 -17.90 -9.93 14.75
CA PRO B 160 -17.64 -9.37 16.09
C PRO B 160 -16.47 -10.00 16.82
N GLU B 161 -16.06 -11.22 16.48
CA GLU B 161 -15.01 -11.89 17.23
C GLU B 161 -13.61 -11.61 16.68
N SER B 162 -13.51 -10.97 15.53
CA SER B 162 -12.21 -10.71 14.93
C SER B 162 -11.45 -9.63 15.69
N GLY B 163 -10.14 -9.83 15.83
CA GLY B 163 -9.27 -8.85 16.43
C GLY B 163 -8.29 -8.26 15.41
N GLU B 164 -7.58 -7.23 15.85
CA GLU B 164 -6.61 -6.59 14.97
C GLU B 164 -5.45 -7.53 14.66
N VAL B 165 -5.06 -7.60 13.39
CA VAL B 165 -3.97 -8.45 12.94
C VAL B 165 -2.75 -7.58 12.65
N THR B 166 -1.60 -7.97 13.20
CA THR B 166 -0.34 -7.33 12.90
C THR B 166 0.56 -8.34 12.17
N VAL B 167 1.22 -7.88 11.11
CA VAL B 167 2.17 -8.69 10.36
C VAL B 167 3.53 -8.01 10.44
N ARG B 168 4.54 -8.77 10.86
CA ARG B 168 5.87 -8.23 11.07
C ARG B 168 6.91 -9.11 10.39
N VAL B 169 7.75 -8.50 9.56
CA VAL B 169 8.96 -9.15 9.08
C VAL B 169 9.99 -9.06 10.21
N VAL B 170 10.49 -10.21 10.66
CA VAL B 170 11.38 -10.27 11.81
C VAL B 170 12.80 -10.66 11.43
N HIS B 171 13.04 -10.97 10.16
CA HIS B 171 14.39 -11.29 9.72
C HIS B 171 14.47 -11.03 8.22
N ALA B 172 15.63 -10.52 7.79
CA ALA B 172 15.92 -10.34 6.37
C ALA B 172 17.42 -10.30 6.22
N SER B 173 17.99 -11.23 5.44
CA SER B 173 19.43 -11.29 5.28
C SER B 173 19.76 -11.82 3.90
N ASP B 174 20.95 -11.46 3.41
CA ASP B 174 21.43 -11.93 2.12
C ASP B 174 22.07 -13.29 2.27
N LYS B 175 21.73 -14.21 1.38
CA LYS B 175 22.24 -15.57 1.45
C LYS B 175 22.57 -16.03 0.04
N THR B 176 23.23 -17.18 -0.04
CA THR B 176 23.55 -17.80 -1.32
C THR B 176 23.23 -19.28 -1.24
N VAL B 177 22.66 -19.82 -2.31
CA VAL B 177 22.45 -21.25 -2.47
C VAL B 177 23.47 -21.76 -3.47
N GLU B 178 24.24 -22.78 -3.07
CA GLU B 178 25.34 -23.30 -3.86
C GLU B 178 24.89 -24.55 -4.63
N VAL B 179 25.24 -24.61 -5.91
CA VAL B 179 24.92 -25.78 -6.71
C VAL B 179 25.71 -26.97 -6.19
N LYS B 180 25.00 -28.07 -5.93
CA LYS B 180 25.58 -29.24 -5.29
C LYS B 180 26.56 -29.93 -6.23
N PRO B 181 27.44 -30.80 -5.68
CA PRO B 181 28.57 -31.30 -6.50
C PRO B 181 28.20 -31.98 -7.81
N GLY B 182 27.13 -32.77 -7.84
CA GLY B 182 26.78 -33.48 -9.06
C GLY B 182 26.39 -32.54 -10.20
N MET B 183 25.47 -31.62 -9.93
CA MET B 183 25.11 -30.62 -10.92
C MET B 183 26.28 -29.68 -11.22
N LYS B 184 27.12 -29.43 -10.23
CA LYS B 184 28.28 -28.57 -10.42
C LYS B 184 29.24 -29.14 -11.46
N ALA B 185 29.56 -30.43 -11.34
CA ALA B 185 30.47 -31.04 -12.31
C ALA B 185 29.85 -31.09 -13.70
N ARG B 186 28.54 -31.31 -13.78
CA ARG B 186 27.88 -31.43 -15.08
C ARG B 186 27.75 -30.09 -15.78
N PHE B 187 27.36 -29.04 -15.06
CA PHE B 187 26.98 -27.78 -15.69
C PHE B 187 27.81 -26.58 -15.25
N VAL B 188 28.25 -26.53 -14.00
CA VAL B 188 28.97 -25.35 -13.52
C VAL B 188 30.40 -25.32 -14.06
N ASP B 189 31.10 -26.45 -13.95
CA ASP B 189 32.48 -26.51 -14.43
C ASP B 189 32.56 -26.37 -15.93
N SER B 190 31.48 -26.65 -16.65
CA SER B 190 31.41 -26.46 -18.10
C SER B 190 31.01 -25.05 -18.49
N GLY B 191 30.71 -24.18 -17.53
CA GLY B 191 30.29 -22.84 -17.84
C GLY B 191 28.87 -22.72 -18.34
N GLU B 192 28.04 -23.73 -18.11
CA GLU B 192 26.65 -23.71 -18.54
C GLU B 192 25.70 -23.20 -17.46
N MET B 193 26.17 -23.06 -16.23
CA MET B 193 25.31 -22.73 -15.10
C MET B 193 26.13 -22.07 -14.02
N ALA B 194 25.56 -21.07 -13.35
CA ALA B 194 26.24 -20.39 -12.27
C ALA B 194 26.49 -21.33 -11.09
N GLU B 195 27.59 -21.08 -10.37
CA GLU B 195 27.94 -21.93 -9.24
C GLU B 195 27.07 -21.66 -8.02
N SER B 196 26.52 -20.45 -7.91
CA SER B 196 25.70 -20.08 -6.76
C SER B 196 24.69 -19.03 -7.21
N PHE B 197 23.65 -18.86 -6.39
CA PHE B 197 22.58 -17.93 -6.69
C PHE B 197 22.29 -17.09 -5.45
N PRO B 198 22.46 -15.76 -5.52
CA PRO B 198 22.19 -14.93 -4.34
C PRO B 198 20.70 -14.75 -4.14
N TYR B 199 20.29 -14.71 -2.87
CA TYR B 199 18.90 -14.45 -2.53
C TYR B 199 18.83 -13.79 -1.17
N ARG B 200 17.67 -13.23 -0.90
CA ARG B 200 17.35 -12.65 0.40
C ARG B 200 16.30 -13.55 1.05
N THR B 201 16.58 -14.02 2.25
CA THR B 201 15.58 -14.74 3.02
C THR B 201 14.86 -13.77 3.94
N LYS B 202 13.56 -13.98 4.09
CA LYS B 202 12.75 -13.16 4.97
C LYS B 202 11.86 -14.07 5.80
N ALA B 203 11.76 -13.78 7.09
CA ALA B 203 10.83 -14.45 7.99
C ALA B 203 9.78 -13.44 8.43
N LEU B 204 8.51 -13.81 8.32
CA LEU B 204 7.44 -12.94 8.75
C LEU B 204 6.41 -13.73 9.56
N PHE B 205 5.74 -13.04 10.47
CA PHE B 205 4.75 -13.65 11.34
C PHE B 205 3.52 -12.76 11.40
N ALA B 206 2.36 -13.39 11.54
CA ALA B 206 1.09 -12.70 11.72
C ALA B 206 0.63 -12.91 13.15
N PHE B 207 0.19 -11.84 13.78
CA PHE B 207 -0.28 -11.86 15.16
C PHE B 207 -1.70 -11.32 15.19
N GLU B 208 -2.55 -11.91 16.03
CA GLU B 208 -3.89 -11.39 16.27
C GLU B 208 -4.03 -11.04 17.74
N GLU B 209 -4.39 -9.80 18.01
CA GLU B 209 -4.63 -9.36 19.38
C GLU B 209 -6.04 -9.76 19.79
N ILE B 210 -6.15 -10.62 20.80
CA ILE B 210 -7.43 -11.11 21.29
C ILE B 210 -7.51 -10.76 22.77
N ASP B 211 -8.39 -9.82 23.10
CA ASP B 211 -8.62 -9.37 24.47
C ASP B 211 -7.34 -8.81 25.10
N GLY B 212 -6.64 -7.98 24.34
CA GLY B 212 -5.43 -7.36 24.83
C GLY B 212 -4.24 -8.28 24.95
N VAL B 213 -4.30 -9.45 24.32
CA VAL B 213 -3.23 -10.45 24.39
C VAL B 213 -2.83 -10.80 22.97
N ASP B 214 -1.53 -10.77 22.70
CA ASP B 214 -1.02 -11.09 21.36
C ASP B 214 -1.03 -12.60 21.15
N LEU B 215 -1.36 -13.02 19.93
CA LEU B 215 -1.31 -14.43 19.58
C LEU B 215 -0.68 -14.58 18.20
N CYS B 216 0.47 -15.25 18.15
CA CYS B 216 1.12 -15.56 16.89
C CYS B 216 0.44 -16.80 16.28
N PHE B 217 -0.19 -16.62 15.11
CA PHE B 217 -0.95 -17.70 14.50
C PHE B 217 -0.45 -18.11 13.13
N PHE B 218 0.53 -17.40 12.55
CA PHE B 218 1.01 -17.73 11.23
C PHE B 218 2.47 -17.31 11.10
N GLY B 219 3.24 -18.12 10.41
CA GLY B 219 4.64 -17.81 10.16
C GLY B 219 5.07 -18.33 8.81
N MET B 220 6.06 -17.67 8.22
CA MET B 220 6.49 -18.01 6.87
C MET B 220 7.89 -17.48 6.64
N HIS B 221 8.72 -18.28 5.98
CA HIS B 221 10.02 -17.84 5.48
C HIS B 221 10.03 -17.98 3.96
N VAL B 222 10.64 -17.01 3.29
CA VAL B 222 10.67 -16.97 1.85
C VAL B 222 12.10 -16.73 1.39
N GLN B 223 12.38 -17.18 0.15
CA GLN B 223 13.62 -16.89 -0.55
C GLN B 223 13.28 -16.04 -1.76
N GLU B 224 13.95 -14.90 -1.87
CA GLU B 224 13.65 -13.93 -2.92
C GLU B 224 14.90 -13.71 -3.76
N TYR B 225 14.83 -14.05 -5.05
CA TYR B 225 15.96 -13.98 -5.96
C TYR B 225 15.73 -12.79 -6.88
N GLY B 226 16.58 -11.77 -6.76
CA GLY B 226 16.34 -10.48 -7.37
C GLY B 226 16.77 -10.41 -8.83
N SER B 227 16.74 -9.17 -9.35
CA SER B 227 17.09 -8.92 -10.74
C SER B 227 18.58 -9.08 -11.00
N ASP B 228 19.42 -9.02 -9.96
CA ASP B 228 20.85 -9.24 -10.12
C ASP B 228 21.22 -10.73 -10.14
N CYS B 229 20.27 -11.62 -9.88
CA CYS B 229 20.48 -13.05 -9.82
C CYS B 229 20.56 -13.64 -11.23
N PRO B 230 21.53 -14.53 -11.48
CA PRO B 230 21.61 -15.17 -12.79
C PRO B 230 20.43 -16.08 -13.05
N PRO B 231 20.07 -16.29 -14.30
CA PRO B 231 19.12 -17.36 -14.62
C PRO B 231 19.68 -18.71 -14.19
N PRO B 232 18.82 -19.67 -13.87
CA PRO B 232 17.36 -19.66 -14.02
C PRO B 232 16.58 -19.09 -12.82
N ASN B 233 17.26 -18.49 -11.85
CA ASN B 233 16.59 -18.06 -10.62
C ASN B 233 16.14 -16.61 -10.64
N GLN B 234 16.37 -15.89 -11.74
CA GLN B 234 16.15 -14.45 -11.76
C GLN B 234 14.68 -14.11 -11.55
N ARG B 235 14.44 -13.13 -10.65
CA ARG B 235 13.11 -12.55 -10.42
C ARG B 235 12.09 -13.59 -9.95
N ARG B 236 12.51 -14.48 -9.05
CA ARG B 236 11.64 -15.54 -8.56
C ARG B 236 11.59 -15.50 -7.03
N VAL B 237 10.42 -15.83 -6.47
CA VAL B 237 10.29 -16.00 -5.03
C VAL B 237 9.88 -17.44 -4.76
N TYR B 238 10.36 -17.97 -3.64
CA TYR B 238 10.11 -19.35 -3.25
C TYR B 238 9.74 -19.37 -1.77
N ILE B 239 8.65 -20.07 -1.43
CA ILE B 239 8.26 -20.19 -0.05
C ILE B 239 9.04 -21.36 0.55
N SER B 240 9.96 -21.05 1.47
CA SER B 240 10.72 -22.11 2.13
C SER B 240 9.82 -22.97 3.01
N TYR B 241 9.08 -22.36 3.93
CA TYR B 241 8.17 -23.12 4.76
C TYR B 241 7.02 -22.24 5.23
N LEU B 242 5.90 -22.88 5.53
CA LEU B 242 4.65 -22.28 5.97
C LEU B 242 4.17 -23.02 7.21
N ASP B 243 3.62 -22.28 8.20
CA ASP B 243 3.15 -22.93 9.40
C ASP B 243 2.08 -22.06 10.07
N SER B 244 1.30 -22.67 10.95
CA SER B 244 0.19 -21.99 11.60
C SER B 244 -0.14 -22.67 12.92
N VAL B 245 -0.74 -21.89 13.82
CA VAL B 245 -1.37 -22.37 15.05
C VAL B 245 -2.83 -21.94 14.97
N HIS B 246 -3.75 -22.91 15.13
CA HIS B 246 -5.11 -22.78 14.62
C HIS B 246 -6.06 -22.03 15.55
N PHE B 247 -5.56 -21.08 16.36
CA PHE B 247 -6.40 -20.40 17.32
C PHE B 247 -6.86 -19.01 16.86
N PHE B 248 -6.79 -18.72 15.57
CA PHE B 248 -7.33 -17.46 15.07
C PHE B 248 -8.83 -17.39 15.32
N ARG B 249 -9.29 -16.23 15.77
CA ARG B 249 -10.69 -16.00 16.09
C ARG B 249 -11.26 -14.93 15.19
N PRO B 250 -12.37 -15.19 14.49
CA PRO B 250 -13.16 -16.42 14.49
C PRO B 250 -12.61 -17.52 13.61
N LYS B 251 -12.95 -18.78 13.93
CA LYS B 251 -12.47 -19.92 13.14
C LYS B 251 -12.98 -19.88 11.71
N CYS B 252 -14.18 -19.34 11.48
CA CYS B 252 -14.76 -19.33 10.15
C CYS B 252 -13.98 -18.45 9.17
N LEU B 253 -13.10 -17.57 9.67
CA LEU B 253 -12.30 -16.70 8.82
C LEU B 253 -10.83 -17.09 8.78
N ARG B 254 -10.44 -18.18 9.44
CA ARG B 254 -9.03 -18.54 9.55
C ARG B 254 -8.42 -18.82 8.18
N THR B 255 -9.06 -19.68 7.40
CA THR B 255 -8.53 -20.01 6.08
C THR B 255 -8.49 -18.77 5.18
N ALA B 256 -9.53 -17.94 5.24
CA ALA B 256 -9.56 -16.74 4.41
C ALA B 256 -8.41 -15.80 4.75
N VAL B 257 -8.09 -15.67 6.05
CA VAL B 257 -7.02 -14.77 6.47
C VAL B 257 -5.66 -15.27 5.98
N TYR B 258 -5.41 -16.59 6.09
CA TYR B 258 -4.17 -17.14 5.53
C TYR B 258 -4.06 -16.80 4.05
N HIS B 259 -5.16 -16.99 3.30
CA HIS B 259 -5.13 -16.69 1.87
C HIS B 259 -4.85 -15.22 1.63
N GLU B 260 -5.40 -14.33 2.46
CA GLU B 260 -5.14 -12.90 2.33
C GLU B 260 -3.65 -12.60 2.48
N ILE B 261 -2.99 -13.25 3.44
CA ILE B 261 -1.56 -13.03 3.63
C ILE B 261 -0.78 -13.52 2.41
N LEU B 262 -1.13 -14.71 1.92
CA LEU B 262 -0.40 -15.29 0.79
C LEU B 262 -0.64 -14.50 -0.49
N ILE B 263 -1.91 -14.15 -0.77
CA ILE B 263 -2.21 -13.38 -1.98
C ILE B 263 -1.55 -12.01 -1.90
N GLY B 264 -1.56 -11.40 -0.71
CA GLY B 264 -0.93 -10.12 -0.53
C GLY B 264 0.58 -10.17 -0.74
N TYR B 265 1.22 -11.25 -0.30
CA TYR B 265 2.66 -11.40 -0.53
C TYR B 265 2.96 -11.48 -2.02
N LEU B 266 2.18 -12.30 -2.75
CA LEU B 266 2.36 -12.38 -4.20
C LEU B 266 2.10 -11.05 -4.86
N GLU B 267 1.05 -10.34 -4.43
CA GLU B 267 0.77 -9.00 -4.94
C GLU B 267 1.94 -8.06 -4.67
N TYR B 268 2.52 -8.15 -3.46
CA TYR B 268 3.62 -7.28 -3.10
C TYR B 268 4.86 -7.53 -3.96
N VAL B 269 5.27 -8.79 -4.08
CA VAL B 269 6.50 -9.07 -4.83
C VAL B 269 6.29 -8.80 -6.32
N LYS B 270 5.07 -8.95 -6.82
CA LYS B 270 4.78 -8.61 -8.21
C LYS B 270 5.07 -7.14 -8.51
N LYS B 271 4.62 -6.24 -7.62
CA LYS B 271 4.87 -4.82 -7.80
C LYS B 271 6.36 -4.50 -7.79
N LEU B 272 7.10 -5.14 -6.89
CA LEU B 272 8.55 -4.94 -6.86
C LEU B 272 9.22 -5.40 -8.15
N GLY B 273 8.56 -6.24 -8.94
CA GLY B 273 9.10 -6.71 -10.19
C GLY B 273 9.45 -8.20 -10.26
N TYR B 274 9.13 -8.98 -9.23
CA TYR B 274 9.34 -10.42 -9.32
C TYR B 274 8.31 -11.02 -10.27
N THR B 275 8.77 -11.92 -11.15
CA THR B 275 7.91 -12.44 -12.21
C THR B 275 7.20 -13.73 -11.84
N THR B 276 7.78 -14.55 -10.97
CA THR B 276 7.30 -15.91 -10.76
C THR B 276 7.39 -16.28 -9.28
N GLY B 277 6.38 -17.00 -8.80
CA GLY B 277 6.37 -17.55 -7.46
C GLY B 277 6.39 -19.07 -7.54
N HIS B 278 7.00 -19.70 -6.54
CA HIS B 278 7.16 -21.15 -6.51
C HIS B 278 6.76 -21.68 -5.15
N ILE B 279 5.92 -22.72 -5.14
CA ILE B 279 5.43 -23.34 -3.92
C ILE B 279 5.62 -24.85 -4.04
N TRP B 280 6.27 -25.44 -3.05
CA TRP B 280 6.39 -26.89 -2.91
C TRP B 280 5.33 -27.31 -1.90
N ALA B 281 4.24 -27.90 -2.40
CA ALA B 281 3.10 -28.27 -1.57
C ALA B 281 3.42 -29.58 -0.85
N CYS B 282 4.15 -29.46 0.25
CA CYS B 282 4.61 -30.62 1.00
C CYS B 282 4.17 -30.53 2.45
N PRO B 283 3.27 -31.40 2.91
CA PRO B 283 2.97 -31.44 4.33
C PRO B 283 4.17 -31.95 5.11
N PRO B 284 4.36 -31.49 6.35
CA PRO B 284 5.46 -32.02 7.16
C PRO B 284 5.20 -33.47 7.57
N SER B 285 6.29 -34.15 7.93
CA SER B 285 6.16 -35.48 8.49
C SER B 285 5.44 -35.39 9.83
N GLU B 286 4.78 -36.48 10.21
CA GLU B 286 4.00 -36.47 11.44
C GLU B 286 4.90 -36.12 12.62
N GLY B 287 4.40 -35.22 13.46
CA GLY B 287 5.19 -34.64 14.53
C GLY B 287 4.50 -33.38 15.00
N ASP B 288 5.14 -32.73 15.97
CA ASP B 288 4.55 -31.54 16.59
C ASP B 288 5.31 -30.25 16.31
N ASP B 289 6.43 -30.28 15.57
CA ASP B 289 7.26 -29.10 15.32
C ASP B 289 7.50 -28.90 13.83
N TYR B 290 7.17 -27.73 13.29
CA TYR B 290 7.67 -27.32 11.98
C TYR B 290 8.35 -25.95 11.97
N ILE B 291 7.56 -24.90 12.19
CA ILE B 291 8.06 -23.58 12.57
C ILE B 291 7.72 -23.28 14.02
N PHE B 292 6.50 -23.62 14.42
CA PHE B 292 6.05 -23.54 15.81
C PHE B 292 6.26 -24.88 16.50
N HIS B 293 6.67 -24.81 17.75
CA HIS B 293 6.98 -26.00 18.53
C HIS B 293 5.74 -26.48 19.27
N CYS B 294 5.49 -27.79 19.21
CA CYS B 294 4.38 -28.44 19.94
C CYS B 294 3.03 -27.86 19.52
N HIS B 295 2.64 -28.20 18.29
CA HIS B 295 1.33 -27.84 17.75
C HIS B 295 0.22 -28.42 18.61
N PRO B 296 -0.99 -27.84 18.54
CA PRO B 296 -2.14 -28.41 19.26
C PRO B 296 -2.41 -29.84 18.79
N PRO B 297 -2.70 -30.76 19.72
CA PRO B 297 -2.91 -32.16 19.32
C PRO B 297 -4.08 -32.36 18.36
N ASP B 298 -5.09 -31.49 18.40
CA ASP B 298 -6.22 -31.60 17.48
C ASP B 298 -6.06 -30.78 16.21
N GLN B 299 -4.89 -30.16 16.01
CA GLN B 299 -4.57 -29.55 14.72
C GLN B 299 -3.92 -30.60 13.85
N LYS B 300 -4.58 -30.96 12.75
CA LYS B 300 -4.13 -32.05 11.90
C LYS B 300 -3.30 -31.50 10.75
N ILE B 301 -2.23 -32.21 10.42
CA ILE B 301 -1.49 -31.90 9.19
C ILE B 301 -2.35 -32.31 8.00
N PRO B 302 -2.58 -31.41 7.04
CA PRO B 302 -3.38 -31.79 5.88
C PRO B 302 -2.74 -32.92 5.10
N LYS B 303 -3.59 -33.78 4.54
CA LYS B 303 -3.12 -34.78 3.59
C LYS B 303 -2.71 -34.08 2.30
N PRO B 304 -1.82 -34.69 1.51
CA PRO B 304 -1.29 -34.01 0.31
C PRO B 304 -2.36 -33.40 -0.60
N LYS B 305 -3.42 -34.14 -0.91
CA LYS B 305 -4.42 -33.63 -1.85
C LYS B 305 -5.10 -32.38 -1.30
N ARG B 306 -5.41 -32.37 0.00
CA ARG B 306 -6.10 -31.24 0.61
C ARG B 306 -5.21 -30.00 0.62
N LEU B 307 -3.92 -30.19 0.90
CA LEU B 307 -2.99 -29.06 0.83
C LEU B 307 -2.91 -28.50 -0.58
N GLN B 308 -2.85 -29.37 -1.58
CA GLN B 308 -2.81 -28.92 -2.96
C GLN B 308 -4.09 -28.16 -3.32
N GLU B 309 -5.24 -28.68 -2.90
CA GLU B 309 -6.51 -27.99 -3.15
C GLU B 309 -6.56 -26.66 -2.42
N TRP B 310 -5.97 -26.60 -1.22
CA TRP B 310 -5.90 -25.35 -0.47
C TRP B 310 -5.11 -24.29 -1.23
N PHE B 311 -3.95 -24.67 -1.77
CA PHE B 311 -3.15 -23.73 -2.56
C PHE B 311 -3.85 -23.34 -3.85
N LYS B 312 -4.54 -24.29 -4.49
CA LYS B 312 -5.28 -23.97 -5.70
C LYS B 312 -6.37 -22.94 -5.43
N LYS B 313 -7.10 -23.11 -4.32
CA LYS B 313 -8.14 -22.15 -3.97
C LYS B 313 -7.56 -20.76 -3.72
N MET B 314 -6.43 -20.70 -3.00
CA MET B 314 -5.78 -19.41 -2.79
C MET B 314 -5.37 -18.77 -4.12
N LEU B 315 -4.78 -19.57 -5.01
CA LEU B 315 -4.29 -19.03 -6.27
C LEU B 315 -5.43 -18.65 -7.20
N ASP B 316 -6.57 -19.37 -7.14
CA ASP B 316 -7.72 -18.98 -7.95
C ASP B 316 -8.25 -17.62 -7.55
N LYS B 317 -8.31 -17.35 -6.24
CA LYS B 317 -8.71 -16.02 -5.78
C LYS B 317 -7.73 -14.95 -6.23
N ALA B 318 -6.43 -15.26 -6.20
CA ALA B 318 -5.44 -14.30 -6.68
C ALA B 318 -5.59 -14.02 -8.17
N VAL B 319 -5.94 -15.05 -8.96
CA VAL B 319 -6.21 -14.82 -10.38
C VAL B 319 -7.46 -13.96 -10.56
N SER B 320 -8.52 -14.28 -9.82
CA SER B 320 -9.74 -13.49 -9.89
C SER B 320 -9.52 -12.06 -9.45
N GLU B 321 -8.54 -11.83 -8.57
CA GLU B 321 -8.18 -10.48 -8.16
C GLU B 321 -7.27 -9.79 -9.18
N ARG B 322 -6.94 -10.47 -10.29
CA ARG B 322 -6.05 -9.96 -11.32
C ARG B 322 -4.65 -9.68 -10.78
N ILE B 323 -4.26 -10.42 -9.74
CA ILE B 323 -2.91 -10.35 -9.21
C ILE B 323 -2.02 -11.40 -9.87
N VAL B 324 -2.44 -12.66 -9.83
CA VAL B 324 -1.74 -13.75 -10.51
C VAL B 324 -2.28 -13.88 -11.93
N HIS B 325 -1.39 -13.89 -12.91
CA HIS B 325 -1.81 -14.08 -14.29
C HIS B 325 -2.34 -15.50 -14.51
N ASP B 326 -1.54 -16.51 -14.17
CA ASP B 326 -1.99 -17.90 -14.19
C ASP B 326 -1.01 -18.71 -13.35
N TYR B 327 -1.34 -19.99 -13.17
CA TYR B 327 -0.46 -20.91 -12.47
C TYR B 327 -0.58 -22.30 -13.09
N LYS B 328 0.51 -23.07 -12.98
CA LYS B 328 0.60 -24.39 -13.55
C LYS B 328 1.50 -25.24 -12.68
N ASP B 329 1.39 -26.56 -12.83
CA ASP B 329 2.35 -27.43 -12.17
C ASP B 329 3.67 -27.43 -12.96
N ILE B 330 4.70 -28.00 -12.34
CA ILE B 330 6.05 -27.93 -12.90
C ILE B 330 6.12 -28.61 -14.26
N PHE B 331 5.35 -29.69 -14.45
CA PHE B 331 5.39 -30.43 -15.71
C PHE B 331 4.83 -29.61 -16.87
N LYS B 332 3.64 -29.02 -16.69
CA LYS B 332 3.06 -28.21 -17.75
C LYS B 332 3.90 -26.96 -18.01
N GLN B 333 4.42 -26.34 -16.95
CA GLN B 333 5.24 -25.15 -17.13
C GLN B 333 6.51 -25.46 -17.91
N ALA B 334 7.19 -26.57 -17.60
CA ALA B 334 8.38 -26.96 -18.35
C ALA B 334 8.06 -27.23 -19.81
N THR B 335 6.93 -27.90 -20.07
CA THR B 335 6.51 -28.14 -21.44
C THR B 335 6.24 -26.85 -22.18
N GLU B 336 5.55 -25.90 -21.54
CA GLU B 336 5.28 -24.62 -22.17
C GLU B 336 6.57 -23.84 -22.40
N ASP B 337 7.51 -23.92 -21.47
CA ASP B 337 8.79 -23.24 -21.62
C ASP B 337 9.73 -23.98 -22.55
N ARG B 338 9.33 -25.15 -23.06
CA ARG B 338 10.15 -25.95 -23.98
C ARG B 338 11.51 -26.28 -23.36
N LEU B 339 11.48 -26.65 -22.08
CA LEU B 339 12.68 -26.98 -21.34
C LEU B 339 13.31 -28.26 -21.88
N THR B 340 14.66 -28.30 -21.91
CA THR B 340 15.38 -29.49 -22.34
C THR B 340 16.38 -30.02 -21.32
N SER B 341 16.85 -29.21 -20.38
CA SER B 341 17.93 -29.62 -19.49
C SER B 341 17.61 -29.21 -18.05
N ALA B 342 18.16 -29.96 -17.11
CA ALA B 342 17.96 -29.67 -15.69
C ALA B 342 18.55 -28.33 -15.28
N LYS B 343 19.51 -27.81 -16.05
CA LYS B 343 20.08 -26.51 -15.73
C LYS B 343 19.09 -25.37 -15.90
N GLU B 344 17.95 -25.62 -16.55
CA GLU B 344 16.92 -24.61 -16.72
C GLU B 344 15.91 -24.58 -15.57
N LEU B 345 15.96 -25.55 -14.66
CA LEU B 345 15.01 -25.53 -13.55
C LEU B 345 15.52 -24.61 -12.42
N PRO B 346 14.65 -23.79 -11.84
CA PRO B 346 15.08 -22.96 -10.71
C PRO B 346 15.65 -23.82 -9.59
N TYR B 347 16.73 -23.32 -8.98
CA TYR B 347 17.55 -24.06 -8.03
C TYR B 347 17.46 -23.36 -6.67
N PHE B 348 16.61 -23.88 -5.79
CA PHE B 348 16.32 -23.22 -4.53
C PHE B 348 16.94 -23.96 -3.35
N GLU B 349 17.29 -23.21 -2.31
CA GLU B 349 17.88 -23.81 -1.13
C GLU B 349 16.88 -24.73 -0.43
N GLY B 350 17.30 -25.96 -0.15
CA GLY B 350 16.47 -26.91 0.57
C GLY B 350 15.30 -27.48 -0.20
N ASP B 351 15.21 -27.22 -1.50
CA ASP B 351 14.10 -27.67 -2.31
C ASP B 351 14.30 -29.13 -2.74
N PHE B 352 13.21 -29.72 -3.23
CA PHE B 352 13.24 -31.12 -3.68
C PHE B 352 14.16 -31.30 -4.88
N TRP B 353 14.12 -30.37 -5.83
CA TRP B 353 14.76 -30.57 -7.13
C TRP B 353 16.28 -30.64 -7.08
N PRO B 354 16.99 -29.80 -6.33
CA PRO B 354 18.45 -29.99 -6.25
C PRO B 354 18.88 -31.38 -5.81
N ASN B 355 18.15 -32.01 -4.88
CA ASN B 355 18.52 -33.34 -4.42
C ASN B 355 18.24 -34.40 -5.49
N VAL B 356 17.06 -34.33 -6.12
CA VAL B 356 16.70 -35.36 -7.11
C VAL B 356 17.60 -35.27 -8.33
N LEU B 357 18.08 -34.06 -8.68
CA LEU B 357 18.97 -33.92 -9.82
C LEU B 357 20.34 -34.55 -9.55
N GLU B 358 20.82 -34.50 -8.30
CA GLU B 358 22.05 -35.22 -7.94
C GLU B 358 21.90 -36.70 -8.20
N GLU B 359 20.77 -37.29 -7.77
CA GLU B 359 20.52 -38.70 -8.01
C GLU B 359 20.39 -39.01 -9.49
N SER B 360 19.69 -38.14 -10.23
CA SER B 360 19.44 -38.41 -11.65
C SER B 360 20.74 -38.45 -12.45
N ILE B 361 21.65 -37.52 -12.17
CA ILE B 361 22.94 -37.51 -12.87
C ILE B 361 23.71 -38.78 -12.57
N LYS B 362 23.73 -39.19 -11.29
CA LYS B 362 24.47 -40.39 -10.91
C LYS B 362 23.88 -41.64 -11.54
N GLU B 363 22.56 -41.80 -11.44
CA GLU B 363 21.90 -43.01 -11.96
C GLU B 363 22.01 -43.09 -13.48
N SER B 364 22.03 -41.96 -14.17
CA SER B 364 22.10 -41.95 -15.63
C SER B 364 23.52 -42.05 -16.15
N GLY B 365 24.52 -42.08 -15.28
CA GLY B 365 25.89 -42.11 -15.74
C GLY B 365 26.44 -40.78 -16.20
N GLY B 366 25.73 -39.68 -15.94
CA GLY B 366 26.26 -38.37 -16.22
C GLY B 366 25.38 -37.48 -17.07
N SER B 367 24.10 -37.82 -17.21
CA SER B 367 23.18 -37.02 -18.01
C SER B 367 22.38 -36.10 -17.10
N GLY B 368 22.20 -34.85 -17.55
CA GLY B 368 21.40 -33.88 -16.82
C GLY B 368 20.05 -33.62 -17.47
N SER B 369 19.58 -34.57 -18.27
CA SER B 369 18.29 -34.43 -18.94
C SER B 369 17.49 -35.73 -19.00
N GLN B 370 18.03 -36.87 -18.57
CA GLN B 370 17.47 -38.17 -18.91
C GLN B 370 16.07 -38.35 -18.35
N LYS B 371 15.91 -38.32 -17.03
CA LYS B 371 14.64 -38.60 -16.39
C LYS B 371 13.90 -37.33 -15.99
N LEU B 372 14.27 -36.20 -16.59
CA LEU B 372 13.77 -34.90 -16.15
C LEU B 372 12.26 -34.78 -16.30
N TYR B 373 11.74 -35.06 -17.50
CA TYR B 373 10.30 -34.89 -17.73
C TYR B 373 9.50 -35.96 -16.99
N ALA B 374 10.02 -37.19 -16.90
CA ALA B 374 9.34 -38.23 -16.15
C ALA B 374 9.26 -37.90 -14.66
N THR B 375 10.35 -37.37 -14.10
CA THR B 375 10.33 -36.98 -12.69
C THR B 375 9.37 -35.83 -12.43
N MET B 376 9.34 -34.84 -13.34
CA MET B 376 8.43 -33.72 -13.16
C MET B 376 6.97 -34.16 -13.22
N GLU B 377 6.63 -35.05 -14.15
CA GLU B 377 5.26 -35.54 -14.26
C GLU B 377 4.86 -36.34 -13.02
N LYS B 378 5.80 -37.11 -12.47
CA LYS B 378 5.50 -37.94 -11.30
C LYS B 378 5.10 -37.07 -10.10
N HIS B 379 5.73 -35.91 -9.95
CA HIS B 379 5.53 -35.04 -8.78
C HIS B 379 4.84 -33.73 -9.13
N LYS B 380 4.17 -33.66 -10.28
CA LYS B 380 3.70 -32.37 -10.78
C LYS B 380 2.71 -31.71 -9.84
N GLU B 381 1.79 -32.49 -9.26
CA GLU B 381 0.73 -31.93 -8.43
C GLU B 381 1.28 -31.26 -7.18
N VAL B 382 2.53 -31.54 -6.83
CA VAL B 382 3.13 -31.01 -5.61
C VAL B 382 3.88 -29.70 -5.84
N PHE B 383 4.18 -29.34 -7.09
CA PHE B 383 5.02 -28.19 -7.40
C PHE B 383 4.23 -27.18 -8.23
N PHE B 384 3.98 -26.01 -7.66
CA PHE B 384 3.22 -24.95 -8.30
C PHE B 384 4.19 -23.89 -8.83
N VAL B 385 3.99 -23.49 -10.09
CA VAL B 385 4.71 -22.37 -10.67
C VAL B 385 3.69 -21.26 -10.94
N ILE B 386 3.88 -20.12 -10.30
CA ILE B 386 2.90 -19.04 -10.26
C ILE B 386 3.42 -17.87 -11.07
N ARG B 387 2.73 -17.56 -12.16
CA ARG B 387 3.13 -16.47 -13.05
C ARG B 387 2.49 -15.18 -12.59
N LEU B 388 3.30 -14.23 -12.12
CA LEU B 388 2.84 -12.93 -11.67
C LEU B 388 2.88 -11.89 -12.79
N ILE B 389 3.99 -11.83 -13.51
CA ILE B 389 4.18 -10.90 -14.63
C ILE B 389 4.38 -11.75 -15.88
N ALA B 390 3.57 -11.51 -16.90
CA ALA B 390 3.54 -12.39 -18.06
C ALA B 390 3.91 -11.68 -19.35
N GLY B 391 4.21 -12.49 -20.36
CA GLY B 391 4.46 -12.05 -21.71
C GLY B 391 5.83 -11.41 -21.92
N PRO B 392 5.97 -10.66 -23.00
CA PRO B 392 7.23 -9.94 -23.26
C PRO B 392 7.58 -8.95 -22.17
N ALA B 393 6.57 -8.50 -21.42
CA ALA B 393 6.80 -7.54 -20.34
C ALA B 393 7.79 -8.08 -19.32
N ALA B 394 7.80 -9.39 -19.11
CA ALA B 394 8.70 -10.02 -18.15
C ALA B 394 10.17 -9.93 -18.57
N ASN B 395 10.46 -9.44 -19.78
CA ASN B 395 11.83 -9.40 -20.28
C ASN B 395 12.48 -8.02 -20.23
N SER B 396 11.70 -6.94 -20.12
CA SER B 396 12.22 -5.58 -20.19
C SER B 396 11.87 -4.75 -18.95
N LEU B 397 11.89 -5.40 -17.78
CA LEU B 397 11.52 -4.80 -16.51
C LEU B 397 12.67 -3.99 -15.92
N PRO B 398 12.35 -2.96 -15.12
CA PRO B 398 13.40 -2.22 -14.40
C PRO B 398 13.97 -3.05 -13.27
N PRO B 399 15.11 -2.65 -12.70
CA PRO B 399 15.69 -3.40 -11.58
C PRO B 399 14.75 -3.44 -10.38
N ILE B 400 14.86 -4.53 -9.62
CA ILE B 400 14.09 -4.70 -8.39
C ILE B 400 14.78 -3.94 -7.26
N VAL B 401 14.07 -3.01 -6.64
CA VAL B 401 14.58 -2.25 -5.50
C VAL B 401 13.67 -2.56 -4.31
N ASP B 402 14.25 -3.14 -3.27
CA ASP B 402 13.50 -3.45 -2.07
C ASP B 402 13.51 -2.24 -1.15
N PRO B 403 12.36 -1.61 -0.86
CA PRO B 403 12.37 -0.45 0.04
C PRO B 403 12.72 -0.79 1.47
N ASP B 404 12.61 -2.06 1.88
CA ASP B 404 12.83 -2.44 3.27
C ASP B 404 14.30 -2.75 3.53
N PRO B 405 14.81 -2.38 4.70
CA PRO B 405 16.20 -2.67 5.03
C PRO B 405 16.38 -4.13 5.48
N LEU B 406 17.64 -4.54 5.55
CA LEU B 406 17.96 -5.83 6.16
C LEU B 406 17.62 -5.82 7.64
N ILE B 407 17.15 -6.95 8.14
CA ILE B 407 16.83 -7.09 9.56
C ILE B 407 17.65 -8.26 10.11
N PRO B 408 18.81 -7.99 10.69
CA PRO B 408 19.58 -9.06 11.34
C PRO B 408 18.83 -9.60 12.55
N CYS B 409 18.57 -10.91 12.53
CA CYS B 409 17.96 -11.57 13.68
C CYS B 409 18.32 -13.06 13.58
N ASP B 410 19.32 -13.48 14.35
CA ASP B 410 19.81 -14.85 14.26
C ASP B 410 18.76 -15.85 14.73
N LEU B 411 17.85 -15.42 15.61
CA LEU B 411 16.78 -16.31 16.06
C LEU B 411 15.87 -16.72 14.92
N MET B 412 15.78 -15.92 13.86
CA MET B 412 14.85 -16.15 12.76
C MET B 412 15.56 -16.35 11.42
N ASP B 413 16.85 -16.68 11.44
CA ASP B 413 17.59 -17.04 10.24
C ASP B 413 17.37 -18.54 10.02
N GLY B 414 16.38 -18.87 9.23
CA GLY B 414 15.91 -20.24 9.16
C GLY B 414 14.99 -20.56 10.33
N ARG B 415 14.38 -21.73 10.28
CA ARG B 415 13.40 -22.14 11.28
C ARG B 415 14.01 -22.88 12.47
N ASP B 416 15.29 -23.25 12.41
CA ASP B 416 15.84 -24.11 13.46
C ASP B 416 15.96 -23.37 14.79
N ALA B 417 16.44 -22.12 14.76
CA ALA B 417 16.76 -21.42 16.01
C ALA B 417 15.52 -21.19 16.87
N PHE B 418 14.40 -20.81 16.25
CA PHE B 418 13.19 -20.56 17.03
C PHE B 418 12.65 -21.84 17.65
N LEU B 419 12.70 -22.95 16.91
CA LEU B 419 12.31 -24.24 17.49
C LEU B 419 13.19 -24.58 18.68
N THR B 420 14.50 -24.33 18.55
CA THR B 420 15.42 -24.64 19.64
C THR B 420 15.14 -23.77 20.86
N LEU B 421 14.87 -22.48 20.65
CA LEU B 421 14.52 -21.61 21.78
C LEU B 421 13.24 -22.10 22.45
N ALA B 422 12.23 -22.48 21.66
CA ALA B 422 10.98 -22.96 22.24
C ALA B 422 11.19 -24.27 23.01
N ARG B 423 11.98 -25.20 22.45
CA ARG B 423 12.29 -26.43 23.17
C ARG B 423 13.02 -26.14 24.47
N ASP B 424 13.97 -25.20 24.44
CA ASP B 424 14.79 -24.89 25.60
C ASP B 424 14.04 -24.12 26.68
N LYS B 425 12.91 -23.50 26.36
CA LYS B 425 12.20 -22.68 27.35
C LYS B 425 10.77 -23.14 27.56
N HIS B 426 10.44 -24.37 27.15
CA HIS B 426 9.12 -24.96 27.34
C HIS B 426 8.02 -24.09 26.70
N LEU B 427 8.31 -23.55 25.52
CA LEU B 427 7.37 -22.71 24.78
C LEU B 427 6.57 -23.59 23.82
N GLU B 428 5.38 -23.98 24.23
CA GLU B 428 4.50 -24.77 23.38
C GLU B 428 3.48 -23.86 22.72
N PHE B 429 3.01 -24.27 21.55
CA PHE B 429 1.87 -23.67 20.89
C PHE B 429 0.70 -24.65 20.83
N SER B 430 0.58 -25.48 21.87
CA SER B 430 -0.33 -26.62 21.93
C SER B 430 -1.71 -26.27 22.45
N SER B 431 -1.89 -25.08 23.01
CA SER B 431 -3.18 -24.61 23.50
C SER B 431 -3.18 -23.11 23.37
N LEU B 432 -4.38 -22.51 23.47
CA LEU B 432 -4.47 -21.06 23.36
C LEU B 432 -3.65 -20.38 24.46
N ARG B 433 -3.78 -20.86 25.70
CA ARG B 433 -3.05 -20.23 26.79
C ARG B 433 -1.54 -20.40 26.63
N ARG B 434 -1.09 -21.58 26.23
CA ARG B 434 0.35 -21.81 26.06
C ARG B 434 0.87 -21.05 24.84
N ALA B 435 0.08 -21.00 23.76
CA ALA B 435 0.50 -20.23 22.58
C ALA B 435 0.60 -18.75 22.90
N GLN B 436 -0.33 -18.23 23.72
CA GLN B 436 -0.26 -16.84 24.14
C GLN B 436 0.99 -16.57 24.98
N TRP B 437 1.33 -17.47 25.89
CA TRP B 437 2.56 -17.32 26.66
C TRP B 437 3.78 -17.40 25.77
N SER B 438 3.81 -18.36 24.84
CA SER B 438 4.95 -18.49 23.93
C SER B 438 5.08 -17.28 23.02
N THR B 439 3.95 -16.70 22.61
CA THR B 439 4.00 -15.46 21.83
C THR B 439 4.64 -14.33 22.64
N MET B 440 4.23 -14.19 23.90
CA MET B 440 4.80 -13.16 24.76
C MET B 440 6.30 -13.35 24.93
N CYS B 441 6.74 -14.58 25.18
CA CYS B 441 8.18 -14.83 25.30
C CYS B 441 8.90 -14.63 23.98
N MET B 442 8.28 -15.07 22.87
CA MET B 442 8.89 -14.89 21.56
C MET B 442 9.06 -13.40 21.26
N LEU B 443 8.04 -12.59 21.59
CA LEU B 443 8.12 -11.16 21.36
C LEU B 443 9.21 -10.50 22.22
N VAL B 444 9.35 -10.94 23.48
CA VAL B 444 10.42 -10.42 24.32
C VAL B 444 11.77 -10.72 23.69
N GLU B 445 11.96 -11.95 23.22
CA GLU B 445 13.21 -12.33 22.56
C GLU B 445 13.47 -11.46 21.33
N LEU B 446 12.44 -11.23 20.52
CA LEU B 446 12.61 -10.41 19.32
C LEU B 446 12.94 -8.96 19.68
N HIS B 447 12.35 -8.43 20.75
CA HIS B 447 12.61 -7.05 21.16
C HIS B 447 13.99 -6.88 21.80
N THR B 448 14.59 -7.94 22.35
CA THR B 448 15.86 -7.83 23.05
C THR B 448 17.03 -7.87 22.07
N GLN B 449 17.83 -6.80 22.05
CA GLN B 449 18.99 -6.71 21.17
C GLN B 449 20.30 -6.92 21.94
#